data_7DHW
#
_entry.id   7DHW
#
_cell.length_a   58.277
_cell.length_b   73.725
_cell.length_c   187.957
_cell.angle_alpha   90.000
_cell.angle_beta   90.000
_cell.angle_gamma   90.000
#
_symmetry.space_group_name_H-M   'P 21 21 21'
#
loop_
_entity.id
_entity.type
_entity.pdbx_description
1 polymer 'Motor domain of myosin'
2 non-polymer 'MAGNESIUM ION'
3 non-polymer 'TETRAFLUOROALUMINATE ION'
4 non-polymer "ADENOSINE-5'-DIPHOSPHATE"
5 non-polymer GLYCEROL
6 water water
#
_entity_poly.entity_id   1
_entity_poly.type   'polypeptide(L)'
_entity_poly.pdbx_seq_one_letter_code
;MDYKDDDDKRSMHHHHHHDYDIPTTENLYFQGAMVANFNPSVGSFVWVEDPDEAWIDGEVVQVNGDEIKVLCTSGKHVVT
KISNAYPKDVEAPASGVDDMTRLAYLHEPGVLQNLHSRYDINEIYTYTGSILIAVNPFRRLPHLYSSHMMAQYKGASLGE
LSPHPFAVADAAYRQMINDGVSQSILVSGESGAGKTESTKLLMRYLAYMGGRAAAEGRSVEQKVLESNPVLEAFGNAKTV
RNNNSSRFGKFVEIQFDEKGRISGAAIRTYLLERSRVCQVSDPERNYHCFYMLCAAPQEDVKKFKLEEPKKYHYLNQSKC
LELDSINDAEEYHATRRAMDVVGISTEEQDAIFSVVAAILHIGNIEFAKGEEIDSSIPKDDKSLFHLKTAAELLSCDEKA
LEDSLCKRIMVTRDETITKTLDPEAATLSRDALAKVMYSRLFDWLVDKINSSIGQDHDSKYLIGVLDIYGFESFKTNSFE
QFCINLTNEKLQQHFNQHVFKMEQEEYKKEEINWSYIEFVDNQDILDLIEKKPGGIIALLDEACMFPRSTHETFAQKLYQ
TFKTHKRFTKPKLARSDFTICHYAGDVTYQTELFLDKNKDYVIAEHQALLNSSSCSFVASLFPPMSDDSKQSKFSSIGTR
FKQQLVSLLEILNTTEPHYIRCIKPNNLLKPGIFENENILQQLRCGGVMEAIRISCAGYPTRKHFDEFLARFGILAPEVL
VKNSDDPAACKKLLDKVGLEGYQIGKTKVFLRAGQMADLDTRRTEVLGRSA
;
_entity_poly.pdbx_strand_id   A
#
# COMPACT_ATOMS: atom_id res chain seq x y z
N ASN A 37 -32.17 -9.20 -25.22
CA ASN A 37 -31.97 -9.06 -23.79
C ASN A 37 -31.87 -10.43 -23.12
N PHE A 38 -32.62 -10.61 -22.02
CA PHE A 38 -32.58 -11.83 -21.24
C PHE A 38 -34.00 -12.31 -21.00
N ASN A 39 -34.23 -13.61 -21.24
CA ASN A 39 -35.53 -14.23 -21.01
C ASN A 39 -35.30 -15.56 -20.31
N PRO A 40 -35.70 -15.70 -19.04
CA PRO A 40 -35.48 -16.96 -18.34
C PRO A 40 -36.44 -18.04 -18.81
N SER A 41 -35.94 -19.27 -18.84
CA SER A 41 -36.77 -20.41 -19.22
C SER A 41 -37.65 -20.84 -18.06
N VAL A 42 -38.63 -21.69 -18.35
CA VAL A 42 -39.48 -22.25 -17.31
C VAL A 42 -38.64 -23.05 -16.31
N GLY A 43 -37.71 -23.85 -16.83
CA GLY A 43 -36.76 -24.55 -15.99
C GLY A 43 -35.33 -24.20 -16.34
N SER A 44 -34.67 -23.42 -15.49
CA SER A 44 -33.32 -22.95 -15.79
C SER A 44 -32.65 -22.52 -14.49
N PHE A 45 -31.33 -22.38 -14.55
CA PHE A 45 -30.53 -21.94 -13.41
C PHE A 45 -30.17 -20.47 -13.57
N VAL A 46 -30.53 -19.65 -12.58
CA VAL A 46 -30.29 -18.21 -12.62
C VAL A 46 -29.72 -17.76 -11.29
N TRP A 47 -29.22 -16.53 -11.27
CA TRP A 47 -28.68 -15.90 -10.07
C TRP A 47 -29.72 -14.93 -9.50
N VAL A 48 -29.91 -14.98 -8.19
CA VAL A 48 -30.85 -14.09 -7.50
C VAL A 48 -30.16 -13.49 -6.29
N GLU A 49 -30.67 -12.33 -5.87
CA GLU A 49 -30.12 -11.62 -4.72
C GLU A 49 -30.50 -12.34 -3.42
N ASP A 50 -29.64 -12.17 -2.41
CA ASP A 50 -29.81 -12.82 -1.12
C ASP A 50 -29.26 -11.91 -0.05
N PRO A 51 -29.86 -11.89 1.15
CA PRO A 51 -29.35 -11.00 2.21
C PRO A 51 -27.92 -11.29 2.60
N ASP A 52 -27.50 -12.56 2.60
CA ASP A 52 -26.12 -12.94 2.84
C ASP A 52 -25.60 -13.72 1.63
N GLU A 53 -24.28 -13.92 1.62
CA GLU A 53 -23.59 -14.64 0.56
C GLU A 53 -23.75 -13.98 -0.81
N ALA A 54 -24.21 -12.73 -0.83
CA ALA A 54 -24.41 -11.97 -2.07
C ALA A 54 -25.39 -12.74 -2.95
N TRP A 55 -25.03 -13.11 -4.17
CA TRP A 55 -25.91 -13.87 -5.04
C TRP A 55 -25.89 -15.35 -4.66
N ILE A 56 -27.00 -16.03 -4.92
CA ILE A 56 -27.15 -17.44 -4.59
C ILE A 56 -27.58 -18.20 -5.84
N ASP A 57 -27.27 -19.49 -5.86
CA ASP A 57 -27.54 -20.36 -7.00
C ASP A 57 -28.93 -20.95 -6.84
N GLY A 58 -29.77 -20.78 -7.87
CA GLY A 58 -31.14 -21.23 -7.80
C GLY A 58 -31.66 -21.68 -9.15
N GLU A 59 -32.81 -22.35 -9.10
CA GLU A 59 -33.49 -22.87 -10.29
C GLU A 59 -34.94 -22.41 -10.28
N VAL A 60 -35.36 -21.78 -11.38
CA VAL A 60 -36.71 -21.24 -11.46
C VAL A 60 -37.71 -22.39 -11.56
N VAL A 61 -38.78 -22.30 -10.76
CA VAL A 61 -39.82 -23.31 -10.78
C VAL A 61 -41.13 -22.80 -11.39
N GLN A 62 -41.37 -21.48 -11.37
CA GLN A 62 -42.61 -20.91 -11.88
C GLN A 62 -42.30 -19.57 -12.52
N VAL A 63 -43.05 -19.22 -13.56
CA VAL A 63 -42.84 -17.99 -14.31
C VAL A 63 -44.15 -17.22 -14.37
N ASN A 64 -44.16 -16.02 -13.79
CA ASN A 64 -45.30 -15.12 -13.88
C ASN A 64 -45.08 -14.17 -15.07
N GLY A 65 -45.91 -13.15 -15.18
CA GLY A 65 -45.77 -12.18 -16.26
C GLY A 65 -44.41 -11.52 -16.33
N ASP A 66 -44.00 -10.87 -15.23
CA ASP A 66 -42.69 -10.23 -15.15
C ASP A 66 -41.86 -10.75 -13.98
N GLU A 67 -42.40 -11.64 -13.17
CA GLU A 67 -41.73 -12.15 -11.99
C GLU A 67 -41.64 -13.67 -12.07
N ILE A 68 -40.69 -14.23 -11.35
CA ILE A 68 -40.41 -15.66 -11.39
C ILE A 68 -40.09 -16.16 -10.00
N LYS A 69 -40.27 -17.47 -9.81
CA LYS A 69 -40.03 -18.14 -8.54
C LYS A 69 -38.87 -19.10 -8.72
N VAL A 70 -37.80 -18.90 -7.94
CA VAL A 70 -36.59 -19.67 -8.08
C VAL A 70 -36.52 -20.69 -6.95
N LEU A 71 -35.73 -21.75 -7.17
CA LEU A 71 -35.49 -22.78 -6.17
C LEU A 71 -33.99 -22.98 -6.05
N CYS A 72 -33.43 -22.62 -4.91
CA CYS A 72 -32.00 -22.76 -4.69
C CYS A 72 -31.67 -24.19 -4.29
N THR A 73 -30.42 -24.59 -4.55
CA THR A 73 -29.94 -25.89 -4.09
C THR A 73 -30.11 -26.04 -2.59
N SER A 74 -30.04 -24.93 -1.85
CA SER A 74 -30.30 -24.96 -0.42
C SER A 74 -31.71 -25.45 -0.10
N GLY A 75 -32.66 -25.19 -0.99
CA GLY A 75 -34.04 -25.61 -0.82
C GLY A 75 -35.02 -24.47 -0.60
N LYS A 76 -34.53 -23.28 -0.23
CA LYS A 76 -35.40 -22.13 -0.06
C LYS A 76 -35.95 -21.70 -1.41
N HIS A 77 -37.20 -21.22 -1.41
CA HIS A 77 -37.86 -20.73 -2.62
C HIS A 77 -37.99 -19.22 -2.54
N VAL A 78 -37.39 -18.53 -3.50
CA VAL A 78 -37.40 -17.08 -3.56
C VAL A 78 -38.23 -16.62 -4.76
N VAL A 79 -38.86 -15.46 -4.63
CA VAL A 79 -39.68 -14.86 -5.67
C VAL A 79 -39.20 -13.44 -5.89
N THR A 80 -38.88 -13.11 -7.14
CA THR A 80 -38.40 -11.77 -7.50
C THR A 80 -38.72 -11.51 -8.96
N LYS A 81 -38.53 -10.26 -9.38
CA LYS A 81 -38.74 -9.92 -10.77
C LYS A 81 -37.61 -10.47 -11.64
N ILE A 82 -37.87 -10.50 -12.95
CA ILE A 82 -36.89 -11.06 -13.89
C ILE A 82 -35.68 -10.14 -14.01
N SER A 83 -35.90 -8.83 -14.01
CA SER A 83 -34.79 -7.89 -14.18
C SER A 83 -33.79 -7.98 -13.03
N ASN A 84 -34.25 -8.39 -11.84
CA ASN A 84 -33.31 -8.62 -10.75
C ASN A 84 -32.48 -9.88 -10.98
N ALA A 85 -33.00 -10.83 -11.75
CA ALA A 85 -32.32 -12.09 -11.94
C ALA A 85 -31.26 -11.99 -13.04
N TYR A 86 -30.34 -12.95 -13.04
CA TYR A 86 -29.24 -13.00 -13.99
C TYR A 86 -29.00 -14.44 -14.42
N PRO A 87 -28.75 -14.67 -15.71
CA PRO A 87 -28.49 -16.04 -16.17
C PRO A 87 -27.20 -16.62 -15.60
N LYS A 88 -27.19 -17.93 -15.44
CA LYS A 88 -26.04 -18.67 -14.94
C LYS A 88 -25.46 -19.54 -16.05
N ASP A 89 -24.14 -19.49 -16.20
CA ASP A 89 -23.45 -20.34 -17.17
C ASP A 89 -23.35 -21.75 -16.59
N VAL A 90 -24.15 -22.68 -17.13
CA VAL A 90 -24.10 -24.06 -16.67
C VAL A 90 -22.84 -24.75 -17.18
N GLU A 91 -22.43 -24.45 -18.40
CA GLU A 91 -21.23 -25.05 -18.99
C GLU A 91 -20.02 -24.21 -18.62
N ALA A 92 -19.56 -24.39 -17.39
CA ALA A 92 -18.43 -23.64 -16.86
C ALA A 92 -17.42 -24.62 -16.26
N PRO A 93 -16.18 -24.65 -16.75
CA PRO A 93 -15.17 -25.53 -16.15
C PRO A 93 -14.75 -25.01 -14.78
N ALA A 94 -14.21 -25.94 -13.99
CA ALA A 94 -13.70 -25.55 -12.67
C ALA A 94 -12.55 -24.58 -12.79
N SER A 95 -11.73 -24.71 -13.83
CA SER A 95 -10.64 -23.77 -14.07
C SER A 95 -11.14 -22.37 -14.36
N GLY A 96 -12.37 -22.24 -14.87
CA GLY A 96 -12.88 -20.92 -15.16
C GLY A 96 -12.24 -20.31 -16.40
N VAL A 97 -12.08 -18.99 -16.37
CA VAL A 97 -11.52 -18.24 -17.49
C VAL A 97 -10.33 -17.45 -16.97
N ASP A 98 -9.22 -17.48 -17.72
CA ASP A 98 -8.03 -16.74 -17.32
C ASP A 98 -8.26 -15.23 -17.38
N ASP A 99 -9.11 -14.77 -18.30
CA ASP A 99 -9.44 -13.36 -18.43
C ASP A 99 -10.92 -13.17 -18.11
N MET A 100 -11.22 -12.21 -17.23
CA MET A 100 -12.61 -11.91 -16.93
C MET A 100 -13.36 -11.40 -18.15
N THR A 101 -12.65 -10.87 -19.14
CA THR A 101 -13.30 -10.35 -20.33
C THR A 101 -13.76 -11.47 -21.26
N ARG A 102 -13.11 -12.63 -21.21
CA ARG A 102 -13.52 -13.78 -22.01
C ARG A 102 -14.68 -14.55 -21.38
N LEU A 103 -15.17 -14.09 -20.23
CA LEU A 103 -16.31 -14.72 -19.59
C LEU A 103 -17.53 -14.67 -20.49
N ALA A 104 -18.30 -15.76 -20.51
CA ALA A 104 -19.42 -15.86 -21.43
C ALA A 104 -20.58 -14.96 -21.01
N TYR A 105 -20.80 -14.78 -19.71
CA TYR A 105 -21.92 -13.99 -19.19
C TYR A 105 -21.35 -12.91 -18.27
N LEU A 106 -21.20 -11.70 -18.79
CA LEU A 106 -20.58 -10.60 -18.05
C LEU A 106 -21.58 -10.00 -17.09
N HIS A 107 -21.46 -10.36 -15.81
CA HIS A 107 -22.22 -9.75 -14.73
C HIS A 107 -21.51 -10.03 -13.42
N GLU A 108 -22.06 -9.48 -12.33
CA GLU A 108 -21.42 -9.62 -11.02
C GLU A 108 -21.36 -11.07 -10.56
N PRO A 109 -22.43 -11.87 -10.59
CA PRO A 109 -22.31 -13.26 -10.11
C PRO A 109 -21.30 -14.09 -10.89
N GLY A 110 -21.26 -13.93 -12.22
CA GLY A 110 -20.30 -14.68 -13.01
C GLY A 110 -18.86 -14.31 -12.68
N VAL A 111 -18.61 -13.03 -12.43
CA VAL A 111 -17.28 -12.59 -11.98
C VAL A 111 -16.97 -13.19 -10.61
N LEU A 112 -17.94 -13.13 -9.70
CA LEU A 112 -17.74 -13.71 -8.37
C LEU A 112 -17.53 -15.22 -8.46
N GLN A 113 -18.29 -15.90 -9.31
CA GLN A 113 -18.17 -17.35 -9.42
C GLN A 113 -16.91 -17.76 -10.18
N ASN A 114 -16.48 -16.97 -11.16
CA ASN A 114 -15.22 -17.26 -11.83
C ASN A 114 -14.06 -17.17 -10.84
N LEU A 115 -14.07 -16.12 -10.01
CA LEU A 115 -13.04 -15.97 -8.99
C LEU A 115 -13.09 -17.13 -8.00
N HIS A 116 -14.29 -17.47 -7.53
CA HIS A 116 -14.43 -18.52 -6.52
C HIS A 116 -13.95 -19.86 -7.04
N SER A 117 -14.27 -20.20 -8.28
CA SER A 117 -13.89 -21.50 -8.82
C SER A 117 -12.37 -21.63 -8.90
N ARG A 118 -11.70 -20.61 -9.41
CA ARG A 118 -10.24 -20.68 -9.55
C ARG A 118 -9.55 -20.65 -8.18
N TYR A 119 -10.16 -20.00 -7.18
CA TYR A 119 -9.60 -20.00 -5.85
C TYR A 119 -9.62 -21.39 -5.22
N ASP A 120 -10.64 -22.20 -5.54
CA ASP A 120 -10.75 -23.53 -4.94
C ASP A 120 -9.64 -24.45 -5.42
N ILE A 121 -9.17 -24.29 -6.66
CA ILE A 121 -8.10 -25.10 -7.20
C ILE A 121 -6.74 -24.39 -7.08
N ASN A 122 -6.62 -23.43 -6.16
CA ASN A 122 -5.37 -22.73 -5.89
C ASN A 122 -4.88 -21.92 -7.09
N GLU A 123 -5.80 -21.42 -7.90
CA GLU A 123 -5.47 -20.49 -8.98
C GLU A 123 -5.91 -19.11 -8.50
N ILE A 124 -5.02 -18.44 -7.78
CA ILE A 124 -5.37 -17.17 -7.14
C ILE A 124 -5.35 -16.02 -8.14
N TYR A 125 -4.47 -16.05 -9.13
CA TYR A 125 -4.34 -14.96 -10.07
C TYR A 125 -5.28 -15.12 -11.25
N THR A 126 -5.78 -13.99 -11.75
CA THR A 126 -6.70 -13.96 -12.87
C THR A 126 -6.66 -12.56 -13.48
N TYR A 127 -6.78 -12.50 -14.81
CA TYR A 127 -6.64 -11.24 -15.51
C TYR A 127 -7.99 -10.54 -15.66
N THR A 128 -7.94 -9.22 -15.63
CA THR A 128 -9.05 -8.35 -16.04
C THR A 128 -8.48 -7.36 -17.04
N GLY A 129 -8.75 -7.58 -18.32
CA GLY A 129 -8.07 -6.81 -19.34
C GLY A 129 -6.58 -6.97 -19.21
N SER A 130 -5.88 -5.84 -19.06
CA SER A 130 -4.46 -5.87 -18.78
C SER A 130 -4.15 -5.88 -17.28
N ILE A 131 -5.14 -5.61 -16.44
CA ILE A 131 -4.97 -5.59 -14.99
C ILE A 131 -4.95 -7.02 -14.45
N LEU A 132 -4.18 -7.22 -13.38
CA LEU A 132 -4.07 -8.52 -12.72
C LEU A 132 -4.86 -8.49 -11.42
N ILE A 133 -5.65 -9.54 -11.20
CA ILE A 133 -6.43 -9.71 -9.97
C ILE A 133 -5.78 -10.84 -9.17
N ALA A 134 -5.52 -10.58 -7.89
CA ALA A 134 -4.86 -11.54 -7.02
C ALA A 134 -5.68 -11.70 -5.74
N VAL A 135 -6.12 -12.92 -5.47
CA VAL A 135 -6.85 -13.26 -4.26
C VAL A 135 -5.89 -13.95 -3.29
N ASN A 136 -5.85 -13.47 -2.06
CA ASN A 136 -4.88 -13.95 -1.08
C ASN A 136 -5.07 -15.43 -0.80
N PRO A 137 -4.04 -16.26 -0.96
CA PRO A 137 -4.19 -17.69 -0.66
C PRO A 137 -4.14 -17.98 0.84
N PHE A 138 -3.43 -17.12 1.59
CA PHE A 138 -3.22 -17.31 3.03
C PHE A 138 -2.50 -18.61 3.33
N ARG A 139 -1.71 -19.11 2.36
CA ARG A 139 -0.96 -20.35 2.55
C ARG A 139 0.22 -20.34 1.59
N ARG A 140 1.22 -21.15 1.94
CA ARG A 140 2.43 -21.24 1.13
C ARG A 140 2.19 -22.04 -0.14
N LEU A 141 2.72 -21.53 -1.25
CA LEU A 141 2.66 -22.20 -2.55
C LEU A 141 4.07 -22.18 -3.15
N PRO A 142 4.95 -23.07 -2.71
CA PRO A 142 6.35 -23.00 -3.18
C PRO A 142 6.51 -23.25 -4.67
N HIS A 143 5.69 -24.10 -5.27
CA HIS A 143 5.84 -24.39 -6.70
C HIS A 143 5.38 -23.21 -7.56
N LEU A 144 4.38 -22.45 -7.10
CA LEU A 144 3.88 -21.33 -7.88
C LEU A 144 4.88 -20.18 -7.97
N TYR A 145 5.89 -20.15 -7.09
CA TYR A 145 6.82 -19.02 -7.03
C TYR A 145 8.28 -19.45 -7.12
N SER A 146 8.56 -20.68 -7.54
CA SER A 146 9.93 -21.15 -7.62
C SER A 146 10.70 -20.37 -8.69
N SER A 147 12.04 -20.38 -8.55
CA SER A 147 12.89 -19.75 -9.55
C SER A 147 12.73 -20.40 -10.92
N HIS A 148 12.41 -21.70 -10.95
CA HIS A 148 12.09 -22.36 -12.21
C HIS A 148 10.86 -21.76 -12.85
N MET A 149 9.86 -21.38 -12.04
CA MET A 149 8.66 -20.75 -12.58
C MET A 149 8.98 -19.41 -13.22
N MET A 150 10.02 -18.72 -12.74
CA MET A 150 10.44 -17.47 -13.36
C MET A 150 10.96 -17.71 -14.78
N ALA A 151 11.75 -18.76 -14.97
CA ALA A 151 12.26 -19.06 -16.31
C ALA A 151 11.14 -19.37 -17.29
N GLN A 152 10.03 -19.93 -16.80
CA GLN A 152 8.91 -20.23 -17.67
C GLN A 152 8.25 -18.96 -18.19
N TYR A 153 8.20 -17.92 -17.37
CA TYR A 153 7.63 -16.63 -17.74
C TYR A 153 8.65 -15.66 -18.33
N LYS A 154 9.87 -16.13 -18.60
CA LYS A 154 10.93 -15.21 -19.01
C LYS A 154 10.64 -14.57 -20.36
N GLY A 155 10.15 -15.34 -21.32
CA GLY A 155 9.83 -14.80 -22.62
C GLY A 155 8.35 -14.84 -22.93
N ALA A 156 7.57 -15.33 -21.98
CA ALA A 156 6.14 -15.52 -22.17
C ALA A 156 5.42 -14.18 -22.33
N SER A 157 4.39 -14.18 -23.18
CA SER A 157 3.51 -13.04 -23.32
C SER A 157 2.51 -12.99 -22.15
N LEU A 158 1.75 -11.90 -22.09
CA LEU A 158 0.81 -11.72 -20.99
C LEU A 158 -0.26 -12.80 -21.00
N GLY A 159 -0.76 -13.15 -22.19
CA GLY A 159 -1.83 -14.12 -22.33
C GLY A 159 -1.43 -15.51 -22.74
N GLU A 160 -0.13 -15.75 -22.97
CA GLU A 160 0.30 -17.09 -23.37
C GLU A 160 0.23 -18.06 -22.20
N LEU A 161 0.56 -17.62 -21.00
CA LEU A 161 0.57 -18.46 -19.82
C LEU A 161 -0.56 -18.05 -18.87
N SER A 162 -0.71 -18.85 -17.81
CA SER A 162 -1.71 -18.53 -16.80
C SER A 162 -1.33 -17.24 -16.07
N PRO A 163 -2.31 -16.50 -15.57
CA PRO A 163 -2.02 -15.21 -14.93
C PRO A 163 -1.06 -15.38 -13.75
N HIS A 164 -0.07 -14.48 -13.68
CA HIS A 164 0.95 -14.54 -12.64
C HIS A 164 1.61 -13.18 -12.54
N PRO A 165 2.01 -12.73 -11.34
CA PRO A 165 2.72 -11.44 -11.24
C PRO A 165 4.01 -11.41 -12.03
N PHE A 166 4.66 -12.56 -12.22
CA PHE A 166 5.85 -12.61 -13.06
C PHE A 166 5.54 -12.15 -14.47
N ALA A 167 4.33 -12.44 -14.98
CA ALA A 167 3.96 -11.99 -16.30
C ALA A 167 3.77 -10.47 -16.34
N VAL A 168 3.23 -9.90 -15.25
CA VAL A 168 3.13 -8.45 -15.16
C VAL A 168 4.53 -7.84 -15.08
N ALA A 169 5.42 -8.46 -14.32
CA ALA A 169 6.79 -7.95 -14.20
C ALA A 169 7.51 -8.03 -15.54
N ASP A 170 7.33 -9.13 -16.26
CA ASP A 170 7.94 -9.26 -17.59
C ASP A 170 7.37 -8.23 -18.55
N ALA A 171 6.05 -8.03 -18.51
CA ALA A 171 5.42 -7.02 -19.33
C ALA A 171 6.02 -5.64 -19.09
N ALA A 172 6.25 -5.31 -17.82
CA ALA A 172 6.89 -4.04 -17.49
C ALA A 172 8.32 -3.99 -18.02
N TYR A 173 9.01 -5.12 -18.05
CA TYR A 173 10.38 -5.14 -18.55
C TYR A 173 10.42 -5.06 -20.07
N ARG A 174 9.52 -5.79 -20.75
N ARG A 174 9.52 -5.79 -20.74
CA ARG A 174 9.49 -5.74 -22.20
CA ARG A 174 9.47 -5.75 -22.20
C ARG A 174 9.04 -4.37 -22.70
C ARG A 174 9.04 -4.37 -22.70
N GLN A 175 8.02 -3.79 -22.07
CA GLN A 175 7.52 -2.50 -22.49
C GLN A 175 8.50 -1.38 -22.20
N MET A 176 9.51 -1.63 -21.35
CA MET A 176 10.51 -0.61 -21.07
C MET A 176 11.47 -0.43 -22.24
N ILE A 177 11.91 -1.54 -22.84
CA ILE A 177 12.89 -1.45 -23.91
C ILE A 177 12.22 -1.16 -25.25
N ASN A 178 11.01 -1.67 -25.48
CA ASN A 178 10.32 -1.42 -26.73
C ASN A 178 9.86 0.04 -26.85
N ASP A 179 9.80 0.77 -25.74
CA ASP A 179 9.33 2.15 -25.75
C ASP A 179 10.36 3.15 -25.25
N GLY A 180 11.38 2.72 -24.51
CA GLY A 180 12.32 3.66 -23.94
C GLY A 180 11.78 4.52 -22.84
N VAL A 181 10.61 4.19 -22.29
CA VAL A 181 9.96 4.98 -21.25
C VAL A 181 9.97 4.18 -19.96
N SER A 182 10.08 4.91 -18.84
CA SER A 182 10.09 4.27 -17.53
C SER A 182 8.74 3.64 -17.23
N GLN A 183 8.76 2.60 -16.41
CA GLN A 183 7.57 1.85 -16.05
C GLN A 183 7.37 1.88 -14.54
N SER A 184 6.16 1.52 -14.12
CA SER A 184 5.85 1.42 -12.70
C SER A 184 4.73 0.41 -12.52
N ILE A 185 4.84 -0.41 -11.47
CA ILE A 185 3.83 -1.40 -11.12
C ILE A 185 3.17 -0.96 -9.83
N LEU A 186 1.84 -0.93 -9.83
CA LEU A 186 1.07 -0.40 -8.71
C LEU A 186 0.20 -1.50 -8.13
N VAL A 187 0.46 -1.87 -6.88
CA VAL A 187 -0.27 -2.91 -6.18
C VAL A 187 -1.18 -2.26 -5.16
N SER A 188 -2.47 -2.62 -5.19
CA SER A 188 -3.49 -2.00 -4.35
C SER A 188 -4.30 -3.08 -3.65
N GLY A 189 -5.28 -2.64 -2.85
CA GLY A 189 -6.13 -3.54 -2.10
C GLY A 189 -6.32 -3.08 -0.66
N GLU A 190 -7.10 -3.81 0.13
CA GLU A 190 -7.23 -3.46 1.53
C GLU A 190 -6.08 -4.09 2.33
N SER A 191 -6.06 -3.81 3.64
CA SER A 191 -4.96 -4.28 4.47
C SER A 191 -4.99 -5.80 4.59
N GLY A 192 -3.84 -6.42 4.34
CA GLY A 192 -3.70 -7.86 4.42
C GLY A 192 -4.06 -8.61 3.16
N ALA A 193 -4.28 -7.92 2.05
CA ALA A 193 -4.71 -8.55 0.80
C ALA A 193 -3.54 -9.10 -0.01
N GLY A 194 -2.31 -8.86 0.40
CA GLY A 194 -1.15 -9.44 -0.24
C GLY A 194 -0.31 -8.51 -1.10
N LYS A 195 -0.32 -7.21 -0.83
CA LYS A 195 0.50 -6.29 -1.61
C LYS A 195 1.99 -6.53 -1.37
N THR A 196 2.38 -6.68 -0.10
CA THR A 196 3.79 -6.87 0.22
C THR A 196 4.30 -8.18 -0.35
N GLU A 197 3.50 -9.24 -0.29
CA GLU A 197 3.88 -10.50 -0.90
C GLU A 197 3.94 -10.37 -2.41
N SER A 198 3.02 -9.60 -3.00
CA SER A 198 3.02 -9.41 -4.45
C SER A 198 4.24 -8.61 -4.89
N THR A 199 4.66 -7.64 -4.07
CA THR A 199 5.84 -6.84 -4.41
C THR A 199 7.11 -7.70 -4.35
N LYS A 200 7.20 -8.62 -3.38
CA LYS A 200 8.37 -9.49 -3.30
C LYS A 200 8.53 -10.29 -4.58
N LEU A 201 7.43 -10.73 -5.18
CA LEU A 201 7.49 -11.50 -6.41
C LEU A 201 8.04 -10.65 -7.56
N LEU A 202 7.55 -9.42 -7.68
CA LEU A 202 8.00 -8.54 -8.74
C LEU A 202 9.48 -8.22 -8.59
N MET A 203 9.96 -8.06 -7.36
CA MET A 203 11.37 -7.74 -7.15
C MET A 203 12.26 -8.95 -7.42
N ARG A 204 11.78 -10.15 -7.07
CA ARG A 204 12.57 -11.34 -7.35
C ARG A 204 12.66 -11.61 -8.85
N TYR A 205 11.62 -11.25 -9.61
CA TYR A 205 11.66 -11.44 -11.05
C TYR A 205 12.43 -10.33 -11.75
N LEU A 206 12.32 -9.09 -11.26
CA LEU A 206 13.04 -7.99 -11.88
C LEU A 206 14.54 -8.11 -11.64
N ALA A 207 14.95 -8.65 -10.50
CA ALA A 207 16.37 -8.92 -10.27
C ALA A 207 16.89 -10.04 -11.16
N TYR A 208 15.99 -10.87 -11.69
CA TYR A 208 16.39 -11.97 -12.58
C TYR A 208 16.60 -11.52 -14.02
N MET A 209 16.01 -10.39 -14.42
CA MET A 209 16.14 -9.90 -15.78
C MET A 209 17.33 -8.96 -15.97
N GLY A 210 17.87 -8.41 -14.89
CA GLY A 210 18.99 -7.50 -15.01
C GLY A 210 20.31 -8.09 -14.57
N GLY A 211 20.26 -9.22 -13.88
CA GLY A 211 21.46 -9.89 -13.42
C GLY A 211 22.29 -10.46 -14.55
N SER A 219 25.91 -7.76 -7.72
CA SER A 219 25.58 -7.97 -6.31
C SER A 219 24.43 -7.07 -5.88
N VAL A 220 24.04 -6.14 -6.74
CA VAL A 220 22.91 -5.26 -6.45
C VAL A 220 21.63 -6.07 -6.28
N GLU A 221 21.50 -7.18 -7.01
CA GLU A 221 20.27 -7.96 -6.99
C GLU A 221 20.03 -8.58 -5.62
N GLN A 222 21.07 -9.14 -5.00
CA GLN A 222 20.91 -9.81 -3.71
C GLN A 222 20.50 -8.84 -2.61
N LYS A 223 21.04 -7.63 -2.64
CA LYS A 223 20.83 -6.69 -1.54
C LYS A 223 19.43 -6.07 -1.57
N VAL A 224 18.83 -5.93 -2.74
CA VAL A 224 17.46 -5.42 -2.80
C VAL A 224 16.50 -6.46 -2.23
N LEU A 225 16.76 -7.75 -2.46
CA LEU A 225 15.91 -8.80 -1.91
C LEU A 225 16.11 -8.96 -0.40
N GLU A 226 17.32 -8.74 0.09
CA GLU A 226 17.57 -8.82 1.52
C GLU A 226 17.20 -7.55 2.27
N SER A 227 16.82 -6.49 1.56
CA SER A 227 16.36 -5.28 2.22
C SER A 227 14.94 -5.40 2.76
N ASN A 228 14.13 -6.30 2.19
CA ASN A 228 12.79 -6.50 2.72
C ASN A 228 12.80 -7.10 4.12
N PRO A 229 13.54 -8.17 4.42
CA PRO A 229 13.54 -8.68 5.81
C PRO A 229 14.03 -7.66 6.82
N VAL A 230 15.02 -6.84 6.45
CA VAL A 230 15.55 -5.86 7.40
C VAL A 230 14.50 -4.80 7.71
N LEU A 231 13.84 -4.27 6.68
CA LEU A 231 12.83 -3.24 6.90
C LEU A 231 11.59 -3.80 7.59
N GLU A 232 11.22 -5.05 7.29
CA GLU A 232 10.07 -5.66 7.93
C GLU A 232 10.33 -5.95 9.41
N ALA A 233 11.58 -6.09 9.81
CA ALA A 233 11.90 -6.30 11.21
C ALA A 233 11.61 -5.06 12.04
N PHE A 234 11.67 -3.88 11.42
CA PHE A 234 11.53 -2.62 12.15
C PHE A 234 10.36 -1.77 11.67
N GLY A 235 9.66 -2.18 10.62
CA GLY A 235 8.56 -1.39 10.10
C GLY A 235 7.25 -2.13 9.99
N ASN A 236 7.26 -3.40 10.37
CA ASN A 236 6.08 -4.26 10.29
C ASN A 236 5.71 -4.77 11.68
N ALA A 237 4.41 -4.88 11.92
CA ALA A 237 3.91 -5.36 13.20
C ALA A 237 2.51 -5.90 13.01
N LYS A 238 2.06 -6.66 14.01
CA LYS A 238 0.78 -7.36 13.91
C LYS A 238 -0.37 -6.42 14.22
N THR A 239 -1.39 -6.45 13.36
CA THR A 239 -2.64 -5.71 13.56
C THR A 239 -3.80 -6.69 13.45
N VAL A 240 -5.01 -6.18 13.66
CA VAL A 240 -6.22 -6.99 13.50
C VAL A 240 -6.40 -7.43 12.06
N ARG A 241 -5.82 -6.68 11.11
CA ARG A 241 -5.99 -6.93 9.69
C ARG A 241 -4.89 -7.79 9.08
N ASN A 242 -3.69 -7.78 9.65
CA ASN A 242 -2.57 -8.54 9.10
C ASN A 242 -1.62 -8.89 10.23
N ASN A 243 -1.19 -10.16 10.29
CA ASN A 243 -0.22 -10.57 11.29
C ASN A 243 1.15 -9.92 11.04
N ASN A 244 1.49 -9.69 9.78
CA ASN A 244 2.72 -9.02 9.39
C ASN A 244 2.35 -7.81 8.54
N SER A 245 1.72 -6.83 9.18
CA SER A 245 1.22 -5.64 8.49
C SER A 245 2.31 -4.60 8.31
N SER A 246 2.41 -4.05 7.11
CA SER A 246 3.34 -2.97 6.83
C SER A 246 2.82 -1.68 7.44
N ARG A 247 3.59 -1.11 8.36
CA ARG A 247 3.24 0.17 8.98
C ARG A 247 3.98 1.33 8.35
N PHE A 248 4.68 1.10 7.24
CA PHE A 248 5.32 2.14 6.46
C PHE A 248 5.17 1.79 4.98
N GLY A 249 4.89 2.80 4.17
CA GLY A 249 4.77 2.60 2.72
C GLY A 249 6.13 2.72 2.05
N LYS A 250 6.38 1.84 1.09
CA LYS A 250 7.66 1.81 0.40
C LYS A 250 7.44 1.87 -1.10
N PHE A 251 8.40 2.50 -1.78
CA PHE A 251 8.40 2.63 -3.24
C PHE A 251 9.79 2.23 -3.72
N VAL A 252 9.90 1.02 -4.25
CA VAL A 252 11.18 0.47 -4.69
C VAL A 252 11.42 0.88 -6.14
N GLU A 253 12.56 1.52 -6.40
CA GLU A 253 12.93 1.98 -7.73
C GLU A 253 14.10 1.15 -8.22
N ILE A 254 13.88 0.39 -9.29
CA ILE A 254 14.92 -0.43 -9.90
C ILE A 254 15.47 0.31 -11.11
N GLN A 255 16.77 0.60 -11.10
CA GLN A 255 17.41 1.33 -12.18
C GLN A 255 17.96 0.37 -13.23
N PHE A 256 17.82 0.76 -14.51
CA PHE A 256 18.27 -0.05 -15.63
C PHE A 256 19.04 0.83 -16.62
N ASP A 257 20.22 0.39 -17.02
CA ASP A 257 20.99 1.11 -18.02
C ASP A 257 20.42 0.82 -19.41
N GLU A 258 21.06 1.39 -20.43
CA GLU A 258 20.56 1.24 -21.80
C GLU A 258 20.62 -0.20 -22.28
N LYS A 259 21.70 -0.92 -21.94
CA LYS A 259 21.77 -2.34 -22.25
C LYS A 259 20.77 -3.17 -21.47
N GLY A 260 20.21 -2.63 -20.39
CA GLY A 260 19.19 -3.31 -19.63
C GLY A 260 19.64 -3.92 -18.32
N ARG A 261 20.91 -3.75 -17.95
CA ARG A 261 21.41 -4.25 -16.68
C ARG A 261 20.90 -3.39 -15.52
N ILE A 262 20.84 -4.00 -14.34
CA ILE A 262 20.39 -3.30 -13.13
C ILE A 262 21.58 -2.49 -12.61
N SER A 263 21.59 -1.19 -12.92
CA SER A 263 22.71 -0.34 -12.52
C SER A 263 22.59 0.12 -11.07
N GLY A 264 21.36 0.35 -10.60
CA GLY A 264 21.14 0.82 -9.24
C GLY A 264 19.74 0.47 -8.79
N ALA A 265 19.47 0.81 -7.52
CA ALA A 265 18.17 0.58 -6.92
C ALA A 265 18.03 1.47 -5.70
N ALA A 266 16.80 1.90 -5.42
CA ALA A 266 16.54 2.80 -4.31
C ALA A 266 15.21 2.45 -3.67
N ILE A 267 15.13 2.65 -2.35
CA ILE A 267 13.91 2.38 -1.58
C ILE A 267 13.48 3.67 -0.91
N ARG A 268 12.18 3.99 -1.01
CA ARG A 268 11.61 5.21 -0.48
C ARG A 268 10.49 4.87 0.49
N THR A 269 10.59 5.37 1.72
CA THR A 269 9.63 5.05 2.77
C THR A 269 8.86 6.30 3.17
N TYR A 270 7.57 6.10 3.49
CA TYR A 270 6.63 7.20 3.70
C TYR A 270 5.89 7.01 5.02
N LEU A 271 5.94 8.04 5.87
CA LEU A 271 5.21 8.11 7.15
C LEU A 271 5.18 6.80 7.93
N LEU A 272 6.32 6.39 8.48
CA LEU A 272 6.35 5.26 9.39
C LEU A 272 5.59 5.62 10.67
N GLU A 273 4.76 4.69 11.14
CA GLU A 273 3.98 4.91 12.35
C GLU A 273 4.84 4.59 13.57
N ARG A 274 5.17 5.63 14.34
CA ARG A 274 5.99 5.49 15.53
C ARG A 274 5.17 5.47 16.82
N SER A 275 3.88 5.79 16.75
CA SER A 275 3.03 5.73 17.93
C SER A 275 2.80 4.31 18.41
N ARG A 276 3.00 3.32 17.55
CA ARG A 276 2.90 1.92 17.94
C ARG A 276 3.94 1.54 19.00
N VAL A 277 5.08 2.25 19.02
CA VAL A 277 6.12 1.96 20.01
C VAL A 277 5.58 2.13 21.42
N CYS A 278 4.72 3.13 21.63
CA CYS A 278 4.28 3.50 22.97
C CYS A 278 2.92 2.91 23.35
N GLN A 279 1.95 2.91 22.42
CA GLN A 279 0.61 2.45 22.71
C GLN A 279 0.22 1.36 21.72
N VAL A 280 -0.26 0.23 22.25
CA VAL A 280 -0.66 -0.92 21.43
C VAL A 280 -2.01 -1.42 21.92
N SER A 281 -2.89 -1.75 20.98
CA SER A 281 -4.17 -2.35 21.34
C SER A 281 -3.98 -3.80 21.76
N ASP A 282 -5.03 -4.38 22.35
CA ASP A 282 -4.93 -5.76 22.79
C ASP A 282 -4.71 -6.74 21.64
N PRO A 283 -5.52 -6.76 20.58
CA PRO A 283 -5.24 -7.72 19.51
C PRO A 283 -3.91 -7.49 18.83
N GLU A 284 -3.59 -6.23 18.54
CA GLU A 284 -2.39 -5.90 17.78
C GLU A 284 -1.14 -6.15 18.61
N ARG A 285 0.01 -6.06 17.94
CA ARG A 285 1.31 -6.28 18.55
C ARG A 285 2.23 -5.13 18.18
N ASN A 286 3.30 -4.99 18.96
CA ASN A 286 4.32 -3.99 18.67
C ASN A 286 5.22 -4.48 17.54
N TYR A 287 6.20 -3.66 17.19
CA TYR A 287 7.05 -3.97 16.04
C TYR A 287 7.84 -5.26 16.30
N HIS A 288 8.12 -5.98 15.20
CA HIS A 288 8.68 -7.32 15.31
C HIS A 288 10.02 -7.32 16.03
N CYS A 289 10.82 -6.27 15.83
CA CYS A 289 12.18 -6.23 16.36
C CYS A 289 12.19 -6.45 17.87
N PHE A 290 11.27 -5.83 18.59
CA PHE A 290 11.20 -5.99 20.05
C PHE A 290 11.04 -7.45 20.42
N TYR A 291 10.11 -8.15 19.76
CA TYR A 291 9.89 -9.55 20.07
C TYR A 291 11.02 -10.44 19.55
N MET A 292 11.64 -10.05 18.44
CA MET A 292 12.81 -10.77 17.95
C MET A 292 13.93 -10.76 18.99
N LEU A 293 14.16 -9.61 19.63
CA LEU A 293 15.25 -9.50 20.58
C LEU A 293 15.00 -10.29 21.86
N CYS A 294 13.73 -10.41 22.26
CA CYS A 294 13.41 -11.17 23.47
C CYS A 294 13.44 -12.68 23.24
N ALA A 295 13.36 -13.11 21.99
CA ALA A 295 13.45 -14.53 21.65
C ALA A 295 14.83 -14.92 21.15
N ALA A 296 15.77 -13.98 21.11
CA ALA A 296 17.11 -14.26 20.62
C ALA A 296 17.88 -15.13 21.61
N PRO A 297 18.92 -15.83 21.15
CA PRO A 297 19.76 -16.60 22.08
C PRO A 297 20.32 -15.71 23.18
N GLN A 298 20.40 -16.26 24.39
CA GLN A 298 20.76 -15.44 25.54
C GLN A 298 22.19 -14.94 25.48
N GLU A 299 23.11 -15.72 24.90
CA GLU A 299 24.49 -15.27 24.77
C GLU A 299 24.61 -14.07 23.85
N ASP A 300 23.72 -13.95 22.85
CA ASP A 300 23.76 -12.82 21.95
C ASP A 300 23.17 -11.55 22.57
N VAL A 301 22.25 -11.72 23.53
CA VAL A 301 21.59 -10.58 24.16
C VAL A 301 21.82 -10.57 25.66
N LYS A 302 22.92 -11.16 26.14
CA LYS A 302 23.21 -11.18 27.57
C LYS A 302 23.47 -9.78 28.10
N LYS A 303 24.00 -8.88 27.26
CA LYS A 303 24.30 -7.53 27.72
C LYS A 303 23.03 -6.69 27.85
N PHE A 304 21.99 -7.00 27.09
CA PHE A 304 20.78 -6.19 27.11
C PHE A 304 19.98 -6.36 28.39
N LYS A 305 20.19 -7.44 29.13
CA LYS A 305 19.43 -7.74 30.36
C LYS A 305 17.93 -7.77 30.08
N LEU A 306 17.56 -8.69 29.19
CA LEU A 306 16.19 -8.83 28.70
C LEU A 306 15.40 -9.82 29.54
N GLU A 307 14.12 -9.53 29.71
CA GLU A 307 13.18 -10.36 30.45
C GLU A 307 12.12 -10.93 29.51
N GLU A 308 11.15 -11.62 30.09
CA GLU A 308 10.01 -12.09 29.32
C GLU A 308 9.27 -10.89 28.72
N PRO A 309 8.74 -11.01 27.51
CA PRO A 309 8.11 -9.84 26.87
C PRO A 309 6.92 -9.28 27.64
N LYS A 310 6.21 -10.11 28.41
CA LYS A 310 5.04 -9.64 29.14
C LYS A 310 5.39 -8.64 30.24
N LYS A 311 6.67 -8.45 30.54
CA LYS A 311 7.11 -7.54 31.59
C LYS A 311 7.25 -6.10 31.13
N TYR A 312 7.52 -5.87 29.85
CA TYR A 312 7.84 -4.55 29.35
C TYR A 312 6.56 -3.81 28.97
N HIS A 313 6.46 -2.55 29.39
CA HIS A 313 5.22 -1.79 29.26
C HIS A 313 4.80 -1.62 27.80
N TYR A 314 5.76 -1.40 26.90
CA TYR A 314 5.44 -1.20 25.51
C TYR A 314 4.92 -2.46 24.83
N LEU A 315 5.00 -3.61 25.48
CA LEU A 315 4.45 -4.85 24.95
C LEU A 315 3.32 -5.43 25.80
N ASN A 316 3.20 -5.02 27.06
CA ASN A 316 2.22 -5.62 27.96
C ASN A 316 0.80 -5.18 27.64
N GLN A 317 0.63 -3.98 27.09
CA GLN A 317 -0.71 -3.51 26.75
C GLN A 317 -1.40 -4.43 25.75
N SER A 318 -0.61 -5.09 24.90
CA SER A 318 -1.19 -5.92 23.86
C SER A 318 -1.79 -7.20 24.44
N LYS A 319 -1.06 -7.88 25.33
CA LYS A 319 -1.44 -9.16 25.90
C LYS A 319 -1.30 -10.28 24.87
N CYS A 320 -0.96 -9.94 23.62
CA CYS A 320 -0.56 -10.90 22.60
C CYS A 320 0.96 -10.80 22.44
N LEU A 321 1.67 -11.86 22.82
CA LEU A 321 3.13 -11.87 22.80
C LEU A 321 3.73 -12.83 21.79
N GLU A 322 2.99 -13.84 21.36
CA GLU A 322 3.48 -14.78 20.36
C GLU A 322 2.52 -14.82 19.18
N LEU A 323 3.06 -15.20 18.02
CA LEU A 323 2.28 -15.40 16.81
C LEU A 323 2.46 -16.84 16.33
N ASP A 324 1.35 -17.46 15.91
CA ASP A 324 1.43 -18.82 15.39
C ASP A 324 2.11 -18.86 14.04
N SER A 325 1.97 -17.81 13.22
CA SER A 325 2.52 -17.79 11.88
C SER A 325 3.92 -17.19 11.82
N ILE A 326 4.46 -16.69 12.94
CA ILE A 326 5.76 -16.06 12.96
C ILE A 326 6.56 -16.63 14.11
N ASN A 327 7.70 -17.24 13.80
CA ASN A 327 8.63 -17.74 14.82
C ASN A 327 9.66 -16.64 15.09
N ASP A 328 9.52 -15.97 16.24
CA ASP A 328 10.34 -14.80 16.51
C ASP A 328 11.81 -15.14 16.68
N ALA A 329 12.13 -16.38 17.09
CA ALA A 329 13.53 -16.78 17.22
C ALA A 329 14.22 -16.83 15.87
N GLU A 330 13.54 -17.40 14.86
CA GLU A 330 14.13 -17.47 13.52
C GLU A 330 14.25 -16.10 12.89
N GLU A 331 13.36 -15.17 13.23
CA GLU A 331 13.37 -13.85 12.62
C GLU A 331 14.60 -13.04 13.03
N TYR A 332 15.07 -13.22 14.27
CA TYR A 332 16.29 -12.56 14.69
C TYR A 332 17.49 -13.07 13.92
N HIS A 333 17.60 -14.40 13.78
CA HIS A 333 18.70 -14.98 13.02
C HIS A 333 18.61 -14.58 11.54
N ALA A 334 17.40 -14.52 11.00
CA ALA A 334 17.24 -14.12 9.60
C ALA A 334 17.60 -12.65 9.40
N THR A 335 17.24 -11.80 10.38
CA THR A 335 17.49 -10.37 10.24
C THR A 335 18.98 -10.04 10.31
N ARG A 336 19.70 -10.68 11.23
CA ARG A 336 21.15 -10.50 11.26
C ARG A 336 21.79 -10.97 9.96
N ARG A 337 21.36 -12.13 9.47
CA ARG A 337 21.85 -12.66 8.21
C ARG A 337 21.61 -11.67 7.07
N ALA A 338 20.40 -11.11 7.02
CA ALA A 338 20.08 -10.13 5.98
C ALA A 338 20.89 -8.84 6.16
N MET A 339 21.17 -8.46 7.41
CA MET A 339 21.95 -7.25 7.65
C MET A 339 23.39 -7.40 7.17
N ASP A 340 23.96 -8.61 7.26
CA ASP A 340 25.31 -8.82 6.75
C ASP A 340 25.36 -8.72 5.24
N VAL A 341 24.28 -9.12 4.55
CA VAL A 341 24.24 -9.03 3.10
C VAL A 341 24.27 -7.57 2.65
N VAL A 342 23.46 -6.72 3.30
CA VAL A 342 23.41 -5.31 2.94
C VAL A 342 24.74 -4.62 3.25
N GLY A 343 25.52 -5.13 4.19
CA GLY A 343 26.78 -4.54 4.56
C GLY A 343 26.80 -3.86 5.91
N ILE A 344 25.73 -3.96 6.69
CA ILE A 344 25.71 -3.38 8.03
C ILE A 344 26.72 -4.12 8.90
N SER A 345 27.69 -3.39 9.43
CA SER A 345 28.72 -4.00 10.25
C SER A 345 28.11 -4.70 11.46
N THR A 346 28.81 -5.74 11.93
CA THR A 346 28.35 -6.44 13.13
C THR A 346 28.35 -5.52 14.34
N GLU A 347 29.31 -4.60 14.40
CA GLU A 347 29.31 -3.61 15.48
C GLU A 347 28.16 -2.62 15.32
N GLU A 348 27.78 -2.31 14.08
CA GLU A 348 26.62 -1.46 13.86
C GLU A 348 25.33 -2.20 14.16
N GLN A 349 25.33 -3.52 14.02
CA GLN A 349 24.15 -4.30 14.40
C GLN A 349 23.97 -4.33 15.92
N ASP A 350 25.07 -4.38 16.66
CA ASP A 350 24.97 -4.41 18.12
C ASP A 350 24.42 -3.11 18.66
N ALA A 351 24.81 -1.98 18.05
CA ALA A 351 24.32 -0.68 18.49
C ALA A 351 22.84 -0.50 18.14
N ILE A 352 22.40 -1.04 17.00
CA ILE A 352 20.99 -0.96 16.63
C ILE A 352 20.14 -1.71 17.66
N PHE A 353 20.54 -2.95 17.97
CA PHE A 353 19.79 -3.72 18.96
C PHE A 353 19.92 -3.14 20.36
N SER A 354 21.04 -2.47 20.64
CA SER A 354 21.17 -1.77 21.91
C SER A 354 20.14 -0.65 22.03
N VAL A 355 19.80 0.01 20.91
CA VAL A 355 18.76 1.02 20.93
C VAL A 355 17.39 0.39 21.11
N VAL A 356 17.16 -0.76 20.47
CA VAL A 356 15.88 -1.45 20.58
C VAL A 356 15.65 -1.93 22.01
N ALA A 357 16.69 -2.53 22.61
CA ALA A 357 16.58 -2.96 24.00
C ALA A 357 16.50 -1.78 24.96
N ALA A 358 17.10 -0.65 24.60
CA ALA A 358 17.01 0.54 25.43
C ALA A 358 15.58 1.08 25.47
N ILE A 359 14.90 1.11 24.31
CA ILE A 359 13.54 1.61 24.24
C ILE A 359 12.60 0.75 25.08
N LEU A 360 12.87 -0.55 25.15
CA LEU A 360 12.05 -1.43 25.97
C LEU A 360 12.22 -1.12 27.46
N HIS A 361 13.46 -0.87 27.89
CA HIS A 361 13.71 -0.53 29.28
C HIS A 361 13.11 0.82 29.64
N ILE A 362 13.18 1.80 28.71
CA ILE A 362 12.67 3.14 28.99
C ILE A 362 11.18 3.09 29.30
N GLY A 363 10.44 2.21 28.63
CA GLY A 363 9.00 2.11 28.85
C GLY A 363 8.60 1.64 30.23
N ASN A 364 9.49 0.90 30.91
CA ASN A 364 9.22 0.41 32.25
C ASN A 364 9.64 1.40 33.33
N ILE A 365 9.90 2.65 32.96
CA ILE A 365 10.26 3.70 33.93
C ILE A 365 8.97 4.41 34.31
N GLU A 366 8.40 4.03 35.45
CA GLU A 366 7.21 4.67 35.96
C GLU A 366 7.59 5.87 36.83
N PHE A 367 6.64 6.79 36.99
CA PHE A 367 6.88 8.03 37.73
C PHE A 367 5.77 8.24 38.76
N ALA A 368 6.18 8.59 39.96
CA ALA A 368 5.28 8.94 41.05
C ALA A 368 5.52 10.38 41.46
N LYS A 369 4.59 10.92 42.25
CA LYS A 369 4.70 12.30 42.69
C LYS A 369 5.95 12.50 43.54
N GLY A 370 6.74 13.51 43.19
CA GLY A 370 7.89 13.85 43.99
C GLY A 370 7.50 14.52 45.29
N GLU A 371 8.51 14.73 46.15
CA GLU A 371 8.27 15.40 47.42
C GLU A 371 7.79 16.83 47.21
N GLU A 372 8.37 17.53 46.23
CA GLU A 372 7.94 18.87 45.89
C GLU A 372 6.77 18.83 44.92
N ILE A 373 6.06 19.95 44.84
CA ILE A 373 4.91 20.06 43.95
C ILE A 373 5.39 20.00 42.50
N ASP A 374 4.64 19.28 41.66
CA ASP A 374 4.96 19.14 40.24
C ASP A 374 6.37 18.58 40.04
N SER A 375 6.71 17.56 40.81
CA SER A 375 7.99 16.88 40.72
C SER A 375 7.78 15.44 40.32
N SER A 376 8.77 14.87 39.64
CA SER A 376 8.71 13.49 39.16
C SER A 376 9.91 12.70 39.68
N ILE A 377 9.65 11.47 40.11
CA ILE A 377 10.69 10.56 40.60
C ILE A 377 10.30 9.14 40.28
N PRO A 378 11.30 8.30 39.99
CA PRO A 378 11.02 6.88 39.78
C PRO A 378 10.24 6.28 40.95
N LYS A 379 9.23 5.47 40.62
CA LYS A 379 8.28 5.01 41.64
C LYS A 379 8.91 3.99 42.56
N ASP A 380 9.38 2.87 42.01
CA ASP A 380 9.94 1.78 42.78
C ASP A 380 11.40 1.56 42.39
N ASP A 381 12.05 0.64 43.10
CA ASP A 381 13.44 0.32 42.79
C ASP A 381 13.60 -0.40 41.47
N LYS A 382 12.51 -0.97 40.93
CA LYS A 382 12.62 -1.64 39.63
C LYS A 382 12.74 -0.63 38.50
N SER A 383 12.13 0.55 38.64
CA SER A 383 12.26 1.59 37.64
C SER A 383 13.67 2.19 37.64
N LEU A 384 14.34 2.19 38.78
CA LEU A 384 15.74 2.62 38.81
C LEU A 384 16.64 1.62 38.11
N PHE A 385 16.28 0.34 38.12
CA PHE A 385 17.02 -0.64 37.36
C PHE A 385 16.91 -0.38 35.86
N HIS A 386 15.68 -0.19 35.37
CA HIS A 386 15.48 0.08 33.95
C HIS A 386 16.09 1.43 33.57
N LEU A 387 15.97 2.43 34.44
CA LEU A 387 16.58 3.72 34.14
C LEU A 387 18.09 3.62 34.02
N LYS A 388 18.70 2.80 34.87
CA LYS A 388 20.15 2.60 34.77
C LYS A 388 20.51 1.78 33.54
N THR A 389 19.73 0.73 33.24
CA THR A 389 20.05 -0.12 32.10
C THR A 389 19.91 0.64 30.79
N ALA A 390 18.83 1.40 30.61
CA ALA A 390 18.65 2.17 29.39
C ALA A 390 19.75 3.20 29.20
N ALA A 391 20.28 3.75 30.28
CA ALA A 391 21.38 4.70 30.17
C ALA A 391 22.68 3.98 29.82
N GLU A 392 22.89 2.79 30.36
CA GLU A 392 24.09 2.04 30.03
C GLU A 392 24.04 1.52 28.59
N LEU A 393 22.85 1.18 28.10
CA LEU A 393 22.73 0.73 26.71
C LEU A 393 22.85 1.89 25.73
N LEU A 394 22.62 3.12 26.17
CA LEU A 394 22.74 4.30 25.32
C LEU A 394 24.07 5.02 25.49
N SER A 395 24.95 4.53 26.36
CA SER A 395 26.29 5.09 26.56
C SER A 395 26.23 6.58 26.91
N CYS A 396 25.38 6.91 27.89
CA CYS A 396 25.28 8.26 28.43
C CYS A 396 25.14 8.16 29.94
N ASP A 397 24.93 9.30 30.59
CA ASP A 397 24.87 9.37 32.05
C ASP A 397 23.48 9.02 32.55
N GLU A 398 23.44 8.27 33.66
CA GLU A 398 22.16 7.86 34.23
C GLU A 398 21.38 9.05 34.77
N LYS A 399 22.07 9.99 35.43
CA LYS A 399 21.38 11.18 35.93
C LYS A 399 20.95 12.10 34.81
N ALA A 400 21.76 12.20 33.75
CA ALA A 400 21.38 13.02 32.60
C ALA A 400 20.15 12.45 31.91
N LEU A 401 20.01 11.13 31.89
CA LEU A 401 18.81 10.52 31.33
C LEU A 401 17.60 10.80 32.21
N GLU A 402 17.75 10.66 33.53
CA GLU A 402 16.64 10.94 34.43
C GLU A 402 16.19 12.39 34.31
N ASP A 403 17.15 13.32 34.20
CA ASP A 403 16.80 14.72 34.02
C ASP A 403 16.19 15.01 32.65
N SER A 404 16.27 14.06 31.70
CA SER A 404 15.67 14.27 30.40
C SER A 404 14.15 14.06 30.43
N LEU A 405 13.67 13.14 31.24
CA LEU A 405 12.24 12.84 31.29
C LEU A 405 11.49 13.57 32.39
N CYS A 406 12.17 13.91 33.49
CA CYS A 406 11.50 14.47 34.66
C CYS A 406 11.44 15.99 34.66
N LYS A 407 12.26 16.67 33.85
CA LYS A 407 12.41 18.11 33.98
C LYS A 407 12.88 18.71 32.66
N ARG A 408 12.10 19.62 32.11
CA ARG A 408 12.46 20.33 30.90
C ARG A 408 13.04 21.70 31.24
N ILE A 409 13.84 22.24 30.31
CA ILE A 409 14.49 23.53 30.50
C ILE A 409 13.79 24.57 29.64
N MET A 410 13.59 25.76 30.20
CA MET A 410 13.03 26.89 29.46
C MET A 410 14.15 27.71 28.86
N VAL A 411 13.91 28.20 27.64
CA VAL A 411 14.92 28.97 26.91
C VAL A 411 14.69 30.45 27.17
N THR A 412 15.72 31.11 27.69
CA THR A 412 15.68 32.55 27.96
C THR A 412 17.08 33.12 27.72
N ARG A 413 17.12 34.30 27.08
CA ARG A 413 18.41 34.89 26.73
C ARG A 413 19.14 35.42 27.97
N ASP A 414 18.40 35.73 29.04
CA ASP A 414 19.03 36.29 30.22
C ASP A 414 19.75 35.23 31.04
N GLU A 415 19.11 34.08 31.25
CA GLU A 415 19.75 32.99 31.99
C GLU A 415 19.04 31.69 31.62
N THR A 416 19.62 30.58 32.06
CA THR A 416 19.08 29.25 31.80
C THR A 416 18.39 28.75 33.06
N ILE A 417 17.12 28.37 32.93
CA ILE A 417 16.31 27.93 34.06
C ILE A 417 15.74 26.56 33.76
N THR A 418 15.56 25.77 34.82
CA THR A 418 15.09 24.40 34.71
C THR A 418 13.82 24.22 35.54
N LYS A 419 12.73 23.87 34.88
CA LYS A 419 11.49 23.52 35.56
C LYS A 419 11.39 22.02 35.73
N THR A 420 10.47 21.59 36.59
CA THR A 420 10.22 20.17 36.83
C THR A 420 8.84 19.80 36.29
N LEU A 421 8.66 18.50 36.04
CA LEU A 421 7.45 17.98 35.43
C LEU A 421 6.69 17.11 36.41
N ASP A 422 5.36 17.16 36.31
CA ASP A 422 4.51 16.26 37.05
C ASP A 422 4.59 14.85 36.44
N PRO A 423 4.22 13.81 37.20
CA PRO A 423 4.35 12.44 36.68
C PRO A 423 3.66 12.21 35.35
N GLU A 424 2.48 12.81 35.13
CA GLU A 424 1.82 12.66 33.84
C GLU A 424 2.63 13.32 32.73
N ALA A 425 3.19 14.50 33.00
CA ALA A 425 4.04 15.15 32.00
C ALA A 425 5.33 14.37 31.78
N ALA A 426 5.87 13.78 32.85
CA ALA A 426 7.10 13.00 32.70
C ALA A 426 6.86 11.74 31.88
N THR A 427 5.68 11.14 32.01
CA THR A 427 5.34 9.98 31.18
C THR A 427 5.28 10.37 29.71
N LEU A 428 4.69 11.52 29.40
CA LEU A 428 4.65 12.02 28.03
C LEU A 428 6.05 12.33 27.50
N SER A 429 7.01 12.60 28.38
CA SER A 429 8.37 12.89 27.92
C SER A 429 9.14 11.63 27.59
N ARG A 430 8.90 10.53 28.30
CA ARG A 430 9.60 9.29 27.97
C ARG A 430 9.01 8.64 26.74
N ASP A 431 7.69 8.72 26.55
CA ASP A 431 7.08 8.22 25.33
C ASP A 431 7.52 9.03 24.11
N ALA A 432 7.74 10.33 24.28
CA ALA A 432 8.27 11.13 23.18
C ALA A 432 9.70 10.73 22.84
N LEU A 433 10.52 10.45 23.87
CA LEU A 433 11.89 10.03 23.62
C LEU A 433 11.94 8.74 22.80
N ALA A 434 11.06 7.79 23.13
CA ALA A 434 11.10 6.49 22.47
C ALA A 434 10.70 6.59 21.00
N LYS A 435 9.64 7.35 20.71
CA LYS A 435 9.18 7.50 19.32
C LYS A 435 10.28 8.06 18.44
N VAL A 436 10.86 9.20 18.84
CA VAL A 436 11.88 9.84 18.03
C VAL A 436 13.12 8.96 17.90
N MET A 437 13.45 8.23 18.97
CA MET A 437 14.58 7.30 18.90
C MET A 437 14.33 6.19 17.90
N TYR A 438 13.08 5.73 17.78
CA TYR A 438 12.78 4.61 16.90
C TYR A 438 12.72 5.06 15.44
N SER A 439 12.21 6.26 15.17
CA SER A 439 12.15 6.74 13.79
C SER A 439 13.54 7.10 13.27
N ARG A 440 14.36 7.76 14.11
CA ARG A 440 15.75 8.01 13.72
C ARG A 440 16.50 6.69 13.50
N LEU A 441 16.11 5.64 14.21
CA LEU A 441 16.70 4.32 13.98
C LEU A 441 16.17 3.70 12.69
N PHE A 442 14.86 3.78 12.46
CA PHE A 442 14.29 3.27 11.22
C PHE A 442 14.81 4.04 10.02
N ASP A 443 14.99 5.36 10.17
CA ASP A 443 15.51 6.16 9.06
C ASP A 443 16.97 5.88 8.80
N TRP A 444 17.74 5.53 9.84
CA TRP A 444 19.13 5.17 9.62
C TRP A 444 19.25 3.89 8.80
N LEU A 445 18.30 2.97 8.97
CA LEU A 445 18.33 1.73 8.19
C LEU A 445 18.10 1.99 6.71
N VAL A 446 17.03 2.73 6.38
CA VAL A 446 16.73 3.03 4.98
C VAL A 446 17.86 3.81 4.33
N ASP A 447 18.58 4.62 5.11
CA ASP A 447 19.74 5.32 4.58
C ASP A 447 20.92 4.38 4.37
N LYS A 448 21.10 3.39 5.25
CA LYS A 448 22.18 2.43 5.08
C LYS A 448 21.86 1.42 3.98
N ILE A 449 20.57 1.10 3.80
CA ILE A 449 20.16 0.22 2.70
C ILE A 449 20.55 0.85 1.36
N ASN A 450 20.09 2.10 1.14
CA ASN A 450 20.38 2.78 -0.11
C ASN A 450 21.85 3.18 -0.23
N SER A 451 22.59 3.16 0.88
CA SER A 451 24.02 3.46 0.82
C SER A 451 24.83 2.31 0.22
N SER A 452 24.21 1.15 0.02
CA SER A 452 24.87 0.00 -0.60
C SER A 452 24.28 -0.37 -1.94
N ILE A 453 22.96 -0.27 -2.10
CA ILE A 453 22.27 -0.65 -3.33
C ILE A 453 21.89 0.55 -4.18
N GLY A 454 22.06 1.77 -3.66
CA GLY A 454 21.69 2.96 -4.40
C GLY A 454 22.87 3.67 -5.03
N GLN A 455 22.93 3.68 -6.36
CA GLN A 455 24.00 4.35 -7.08
C GLN A 455 23.54 4.57 -8.51
N ASP A 456 24.18 5.54 -9.17
CA ASP A 456 23.83 5.93 -10.54
C ASP A 456 24.94 5.48 -11.49
N HIS A 457 24.57 4.69 -12.48
CA HIS A 457 25.44 4.31 -13.59
C HIS A 457 24.93 4.92 -14.90
N ASP A 458 24.45 6.16 -14.83
CA ASP A 458 23.94 6.88 -15.99
C ASP A 458 22.80 6.13 -16.68
N SER A 459 21.99 5.42 -15.89
CA SER A 459 20.93 4.58 -16.44
C SER A 459 19.88 5.41 -17.16
N LYS A 460 19.25 4.80 -18.17
CA LYS A 460 18.29 5.49 -19.01
C LYS A 460 16.88 5.50 -18.45
N TYR A 461 16.48 4.46 -17.72
CA TYR A 461 15.12 4.39 -17.20
C TYR A 461 15.07 3.42 -16.03
N LEU A 462 13.98 3.49 -15.28
CA LEU A 462 13.78 2.67 -14.10
C LEU A 462 12.39 2.03 -14.13
N ILE A 463 12.20 1.05 -13.26
CA ILE A 463 10.89 0.44 -13.03
C ILE A 463 10.61 0.48 -11.54
N GLY A 464 9.48 1.05 -11.16
CA GLY A 464 9.17 1.20 -9.75
C GLY A 464 7.93 0.47 -9.30
N VAL A 465 8.11 -0.49 -8.40
CA VAL A 465 6.97 -1.21 -7.80
C VAL A 465 6.58 -0.48 -6.53
N LEU A 466 5.28 -0.25 -6.35
CA LEU A 466 4.76 0.57 -5.27
C LEU A 466 4.04 -0.31 -4.25
N ASP A 467 4.51 -0.27 -3.01
CA ASP A 467 3.93 -1.04 -1.90
C ASP A 467 3.54 -0.06 -0.81
N ILE A 468 2.23 0.18 -0.64
CA ILE A 468 1.71 1.11 0.34
C ILE A 468 0.90 0.33 1.37
N TYR A 469 0.56 1.00 2.47
CA TYR A 469 -0.36 0.40 3.42
C TYR A 469 -1.76 0.41 2.84
N GLY A 470 -2.51 -0.65 3.12
CA GLY A 470 -3.87 -0.77 2.64
C GLY A 470 -4.88 -0.08 3.56
N PHE A 471 -5.99 0.33 2.95
CA PHE A 471 -7.11 0.92 3.67
C PHE A 471 -7.49 0.08 4.88
N GLU A 472 -7.43 0.69 6.06
CA GLU A 472 -7.70 0.01 7.31
C GLU A 472 -8.67 0.82 8.15
N SER A 473 -9.54 0.12 8.88
CA SER A 473 -10.52 0.74 9.75
C SER A 473 -10.59 -0.05 11.05
N PHE A 474 -10.50 0.66 12.17
CA PHE A 474 -10.57 0.07 13.50
C PHE A 474 -11.68 0.73 14.29
N LYS A 475 -11.98 0.17 15.46
CA LYS A 475 -12.98 0.77 16.33
C LYS A 475 -12.57 2.18 16.76
N THR A 476 -11.27 2.44 16.85
CA THR A 476 -10.74 3.77 17.11
C THR A 476 -9.76 4.11 15.99
N ASN A 477 -9.98 5.26 15.35
CA ASN A 477 -9.18 5.67 14.19
C ASN A 477 -8.41 6.94 14.53
N SER A 478 -7.08 6.84 14.50
CA SER A 478 -6.21 7.94 14.84
C SER A 478 -5.75 8.68 13.58
N PHE A 479 -4.86 9.65 13.77
CA PHE A 479 -4.32 10.44 12.67
C PHE A 479 -3.54 9.56 11.69
N GLU A 480 -2.87 8.52 12.20
CA GLU A 480 -2.10 7.65 11.32
C GLU A 480 -3.00 6.94 10.31
N GLN A 481 -4.19 6.53 10.74
CA GLN A 481 -5.15 5.95 9.80
C GLN A 481 -5.58 6.97 8.76
N PHE A 482 -5.68 8.24 9.16
CA PHE A 482 -6.14 9.29 8.25
C PHE A 482 -5.20 9.43 7.06
N CYS A 483 -3.90 9.28 7.29
CA CYS A 483 -2.93 9.42 6.20
C CYS A 483 -2.83 8.14 5.37
N ILE A 484 -2.99 6.98 6.01
CA ILE A 484 -2.99 5.71 5.27
C ILE A 484 -4.12 5.69 4.26
N ASN A 485 -5.35 5.94 4.73
CA ASN A 485 -6.50 5.94 3.84
C ASN A 485 -6.43 7.06 2.80
N LEU A 486 -5.81 8.19 3.17
CA LEU A 486 -5.54 9.23 2.17
C LEU A 486 -4.63 8.70 1.08
N THR A 487 -3.60 7.93 1.45
CA THR A 487 -2.71 7.36 0.46
C THR A 487 -3.46 6.41 -0.47
N ASN A 488 -4.30 5.54 0.10
CA ASN A 488 -5.12 4.65 -0.72
C ASN A 488 -6.13 5.44 -1.55
N GLU A 489 -6.65 6.55 -1.00
CA GLU A 489 -7.55 7.39 -1.76
C GLU A 489 -6.87 7.99 -2.97
N LYS A 490 -5.61 8.42 -2.80
CA LYS A 490 -4.89 9.04 -3.91
C LYS A 490 -4.53 8.01 -4.98
N LEU A 491 -4.21 6.78 -4.57
CA LEU A 491 -3.84 5.76 -5.54
C LEU A 491 -5.05 5.33 -6.37
N GLN A 492 -6.22 5.22 -5.74
CA GLN A 492 -7.42 4.83 -6.48
C GLN A 492 -7.84 5.89 -7.48
N GLN A 493 -7.57 7.17 -7.17
CA GLN A 493 -7.85 8.23 -8.15
C GLN A 493 -6.95 8.11 -9.36
N HIS A 494 -5.66 7.80 -9.15
CA HIS A 494 -4.76 7.54 -10.26
C HIS A 494 -5.29 6.39 -11.12
N PHE A 495 -5.74 5.32 -10.47
CA PHE A 495 -6.39 4.23 -11.19
C PHE A 495 -7.60 4.74 -11.97
N ASN A 496 -8.44 5.54 -11.31
CA ASN A 496 -9.65 6.05 -11.97
C ASN A 496 -9.32 6.91 -13.17
N GLN A 497 -8.30 7.77 -13.04
CA GLN A 497 -7.93 8.66 -14.14
C GLN A 497 -7.42 7.89 -15.34
N HIS A 498 -6.41 7.04 -15.13
CA HIS A 498 -5.75 6.34 -16.22
C HIS A 498 -6.55 5.14 -16.76
N VAL A 499 -7.71 4.83 -16.19
CA VAL A 499 -8.52 3.71 -16.64
C VAL A 499 -9.90 4.16 -17.10
N PHE A 500 -10.50 5.12 -16.40
CA PHE A 500 -11.86 5.55 -16.69
C PHE A 500 -11.97 7.00 -17.18
N LYS A 501 -11.19 7.92 -16.61
CA LYS A 501 -11.31 9.32 -17.00
C LYS A 501 -10.59 9.61 -18.30
N MET A 502 -9.29 9.32 -18.35
CA MET A 502 -8.49 9.65 -19.54
C MET A 502 -8.93 8.82 -20.75
N GLU A 503 -9.31 7.56 -20.54
CA GLU A 503 -9.73 6.72 -21.66
C GLU A 503 -11.00 7.25 -22.29
N GLN A 504 -12.01 7.56 -21.48
CA GLN A 504 -13.31 7.95 -22.01
C GLN A 504 -13.32 9.37 -22.55
N GLU A 505 -12.40 10.23 -22.11
CA GLU A 505 -12.29 11.56 -22.70
C GLU A 505 -11.80 11.46 -24.15
N GLU A 506 -10.83 10.58 -24.42
CA GLU A 506 -10.38 10.37 -25.78
C GLU A 506 -11.51 9.80 -26.64
N TYR A 507 -12.33 8.92 -26.08
CA TYR A 507 -13.42 8.34 -26.85
C TYR A 507 -14.43 9.39 -27.27
N LYS A 508 -14.75 10.33 -26.38
CA LYS A 508 -15.61 11.45 -26.76
C LYS A 508 -14.87 12.41 -27.68
N LYS A 509 -13.57 12.59 -27.47
CA LYS A 509 -12.79 13.55 -28.26
C LYS A 509 -12.72 13.12 -29.73
N GLU A 510 -12.52 11.82 -29.98
CA GLU A 510 -12.29 11.32 -31.33
C GLU A 510 -13.59 11.03 -32.07
N GLU A 511 -14.73 11.55 -31.59
CA GLU A 511 -16.04 11.34 -32.22
C GLU A 511 -16.31 9.86 -32.43
N ILE A 512 -15.92 9.05 -31.45
CA ILE A 512 -16.03 7.60 -31.57
C ILE A 512 -17.44 7.17 -31.17
N ASN A 513 -17.90 6.06 -31.76
CA ASN A 513 -19.14 5.43 -31.35
C ASN A 513 -18.90 4.71 -30.03
N TRP A 514 -19.50 5.21 -28.95
CA TRP A 514 -19.13 4.75 -27.62
C TRP A 514 -20.23 5.07 -26.63
N SER A 515 -20.50 4.12 -25.74
CA SER A 515 -21.44 4.29 -24.64
C SER A 515 -20.66 4.58 -23.37
N TYR A 516 -20.93 5.73 -22.75
CA TYR A 516 -20.18 6.15 -21.57
C TYR A 516 -20.47 5.21 -20.40
N ILE A 517 -19.41 4.77 -19.73
CA ILE A 517 -19.51 3.90 -18.56
C ILE A 517 -19.36 4.77 -17.32
N GLU A 518 -20.46 4.96 -16.60
CA GLU A 518 -20.41 5.73 -15.36
C GLU A 518 -19.62 4.98 -14.29
N PHE A 519 -19.10 5.74 -13.34
CA PHE A 519 -18.33 5.17 -12.24
C PHE A 519 -18.38 6.13 -11.06
N VAL A 520 -17.83 5.69 -9.94
CA VAL A 520 -17.76 6.49 -8.72
C VAL A 520 -16.37 7.09 -8.61
N ASP A 521 -16.31 8.42 -8.62
CA ASP A 521 -15.05 9.14 -8.54
C ASP A 521 -14.85 9.69 -7.13
N ASN A 522 -13.63 9.55 -6.61
CA ASN A 522 -13.30 9.96 -5.25
C ASN A 522 -12.48 11.24 -5.21
N GLN A 523 -12.59 12.08 -6.25
CA GLN A 523 -11.83 13.34 -6.27
C GLN A 523 -12.25 14.27 -5.15
N ASP A 524 -13.56 14.35 -4.89
CA ASP A 524 -14.04 15.25 -3.84
C ASP A 524 -13.54 14.87 -2.45
N ILE A 525 -13.16 13.61 -2.25
CA ILE A 525 -12.55 13.22 -0.99
C ILE A 525 -11.13 13.76 -0.91
N LEU A 526 -10.41 13.77 -2.03
CA LEU A 526 -9.07 14.37 -2.05
C LEU A 526 -9.14 15.87 -1.81
N ASP A 527 -10.10 16.56 -2.43
CA ASP A 527 -10.28 17.98 -2.17
C ASP A 527 -10.67 18.23 -0.72
N LEU A 528 -11.38 17.29 -0.09
CA LEU A 528 -11.72 17.44 1.32
C LEU A 528 -10.48 17.46 2.21
N ILE A 529 -9.42 16.78 1.80
CA ILE A 529 -8.26 16.55 2.66
C ILE A 529 -7.11 17.51 2.33
N GLU A 530 -6.72 17.61 1.07
CA GLU A 530 -5.52 18.34 0.68
C GLU A 530 -5.80 19.63 -0.08
N LYS A 531 -7.02 20.17 0.00
CA LYS A 531 -7.30 21.45 -0.66
C LYS A 531 -6.41 22.53 -0.08
N LYS A 532 -5.70 23.25 -0.95
CA LYS A 532 -4.83 24.33 -0.48
C LYS A 532 -5.61 25.44 0.21
N PRO A 533 -6.74 25.95 -0.32
CA PRO A 533 -7.47 26.98 0.44
C PRO A 533 -8.47 26.37 1.42
N GLY A 534 -7.94 25.71 2.45
CA GLY A 534 -8.77 25.09 3.46
C GLY A 534 -9.03 23.62 3.22
N GLY A 535 -8.18 22.77 3.78
CA GLY A 535 -8.43 21.35 3.81
C GLY A 535 -8.16 20.82 5.20
N ILE A 536 -8.63 19.60 5.44
CA ILE A 536 -8.47 18.99 6.76
C ILE A 536 -7.00 19.00 7.17
N ILE A 537 -6.11 18.80 6.20
CA ILE A 537 -4.68 18.96 6.46
C ILE A 537 -4.36 20.43 6.70
N ALA A 538 -4.83 21.31 5.81
CA ALA A 538 -4.55 22.74 5.93
C ALA A 538 -5.16 23.33 7.20
N LEU A 539 -6.35 22.86 7.58
CA LEU A 539 -6.96 23.36 8.82
C LEU A 539 -6.21 22.85 10.05
N LEU A 540 -5.61 21.67 9.97
CA LEU A 540 -4.87 21.14 11.12
C LEU A 540 -3.63 21.97 11.42
N ASP A 541 -2.96 22.46 10.37
CA ASP A 541 -1.83 23.37 10.58
C ASP A 541 -2.29 24.69 11.18
N GLU A 542 -3.49 25.14 10.84
CA GLU A 542 -4.00 26.39 11.42
C GLU A 542 -4.16 26.25 12.94
N ALA A 543 -4.79 25.16 13.38
CA ALA A 543 -4.97 24.95 14.81
C ALA A 543 -3.64 24.65 15.51
N CYS A 544 -2.67 24.09 14.79
CA CYS A 544 -1.37 23.82 15.39
C CYS A 544 -0.56 25.08 15.62
N MET A 545 -0.83 26.15 14.86
CA MET A 545 -0.11 27.41 15.08
C MET A 545 -0.54 28.07 16.37
N PHE A 546 -1.82 27.97 16.71
CA PHE A 546 -2.34 28.62 17.92
C PHE A 546 -2.02 27.77 19.15
N PRO A 547 -1.30 28.30 20.13
CA PRO A 547 -1.01 27.53 21.34
C PRO A 547 -2.25 27.34 22.20
N ARG A 548 -2.25 26.24 22.95
CA ARG A 548 -3.35 25.86 23.84
C ARG A 548 -4.67 25.78 23.06
N SER A 549 -4.64 24.99 21.99
CA SER A 549 -5.81 24.69 21.18
C SER A 549 -6.24 23.26 21.47
N THR A 550 -7.45 23.09 21.95
CA THR A 550 -7.96 21.76 22.27
C THR A 550 -8.44 21.06 21.01
N HIS A 551 -8.59 19.73 21.12
CA HIS A 551 -9.10 18.95 20.00
C HIS A 551 -10.56 19.25 19.71
N GLU A 552 -11.31 19.80 20.68
CA GLU A 552 -12.68 20.20 20.43
C GLU A 552 -12.76 21.44 19.55
N THR A 553 -11.75 22.32 19.63
CA THR A 553 -11.74 23.50 18.77
C THR A 553 -11.45 23.14 17.33
N PHE A 554 -10.49 22.25 17.10
CA PHE A 554 -10.27 21.74 15.76
C PHE A 554 -11.47 20.95 15.26
N ALA A 555 -12.15 20.25 16.16
CA ALA A 555 -13.35 19.50 15.80
C ALA A 555 -14.46 20.44 15.35
N GLN A 556 -14.80 21.42 16.20
CA GLN A 556 -15.82 22.40 15.84
C GLN A 556 -15.46 23.14 14.55
N LYS A 557 -14.16 23.38 14.33
CA LYS A 557 -13.73 24.06 13.11
C LYS A 557 -14.02 23.20 11.88
N LEU A 558 -13.94 21.88 12.01
CA LEU A 558 -14.26 21.01 10.88
C LEU A 558 -15.74 20.99 10.58
N TYR A 559 -16.59 21.23 11.59
CA TYR A 559 -18.03 21.12 11.40
C TYR A 559 -18.60 22.37 10.75
N GLN A 560 -18.18 23.56 11.20
CA GLN A 560 -18.67 24.79 10.61
C GLN A 560 -18.10 25.05 9.22
N THR A 561 -17.05 24.34 8.82
CA THR A 561 -16.44 24.49 7.51
C THR A 561 -16.97 23.49 6.50
N PHE A 562 -16.95 22.20 6.83
CA PHE A 562 -17.41 21.15 5.94
C PHE A 562 -18.84 20.71 6.23
N LYS A 563 -19.66 21.62 6.79
CA LYS A 563 -21.06 21.31 7.02
C LYS A 563 -21.76 20.96 5.72
N THR A 564 -21.73 21.88 4.75
CA THR A 564 -22.36 21.66 3.45
C THR A 564 -21.40 20.87 2.55
N HIS A 565 -21.27 19.58 2.85
CA HIS A 565 -20.40 18.70 2.09
C HIS A 565 -20.99 17.29 2.10
N LYS A 566 -20.77 16.55 1.01
CA LYS A 566 -21.34 15.22 0.85
C LYS A 566 -20.49 14.13 1.48
N ARG A 567 -19.17 14.27 1.44
CA ARG A 567 -18.27 13.24 1.93
C ARG A 567 -17.87 13.43 3.40
N PHE A 568 -18.41 14.45 4.08
CA PHE A 568 -18.08 14.74 5.46
C PHE A 568 -19.32 14.55 6.32
N THR A 569 -19.17 13.80 7.43
CA THR A 569 -20.27 13.53 8.34
C THR A 569 -19.74 13.56 9.77
N LYS A 570 -20.63 13.91 10.70
CA LYS A 570 -20.30 13.98 12.11
C LYS A 570 -21.17 13.03 12.92
N PRO A 571 -20.59 12.18 13.77
CA PRO A 571 -21.41 11.38 14.69
C PRO A 571 -22.16 12.28 15.65
N LYS A 572 -23.40 11.89 15.95
CA LYS A 572 -24.27 12.75 16.76
C LYS A 572 -23.80 12.84 18.20
N LEU A 573 -23.40 11.73 18.79
CA LEU A 573 -22.98 11.69 20.20
C LEU A 573 -21.49 11.92 20.39
N ALA A 574 -20.74 12.18 19.32
CA ALA A 574 -19.29 12.34 19.40
C ALA A 574 -18.94 13.79 19.09
N ARG A 575 -18.47 14.51 20.11
CA ARG A 575 -18.15 15.93 19.94
C ARG A 575 -16.89 16.13 19.11
N SER A 576 -15.90 15.26 19.28
CA SER A 576 -14.61 15.44 18.61
C SER A 576 -14.32 14.37 17.56
N ASP A 577 -15.31 13.58 17.16
CA ASP A 577 -15.10 12.55 16.14
C ASP A 577 -15.76 12.99 14.84
N PHE A 578 -15.07 12.77 13.73
CA PHE A 578 -15.59 13.12 12.41
C PHE A 578 -15.50 11.91 11.49
N THR A 579 -16.52 11.77 10.63
CA THR A 579 -16.62 10.64 9.71
C THR A 579 -16.40 11.11 8.28
N ILE A 580 -15.61 10.35 7.53
CA ILE A 580 -15.34 10.63 6.11
C ILE A 580 -15.90 9.49 5.28
N CYS A 581 -16.65 9.82 4.24
CA CYS A 581 -17.25 8.82 3.35
C CYS A 581 -16.18 8.36 2.36
N HIS A 582 -15.27 7.51 2.85
CA HIS A 582 -14.22 6.98 2.01
C HIS A 582 -14.79 6.07 0.94
N TYR A 583 -14.05 5.92 -0.15
CA TYR A 583 -14.51 5.11 -1.27
C TYR A 583 -14.68 3.65 -0.87
N ALA A 584 -13.92 3.19 0.12
CA ALA A 584 -14.04 1.82 0.62
C ALA A 584 -15.08 1.67 1.71
N GLY A 585 -15.56 2.76 2.28
CA GLY A 585 -16.57 2.72 3.32
C GLY A 585 -16.36 3.85 4.32
N ASP A 586 -17.40 4.11 5.11
CA ASP A 586 -17.34 5.17 6.10
C ASP A 586 -16.37 4.83 7.22
N VAL A 587 -15.47 5.76 7.52
CA VAL A 587 -14.51 5.60 8.61
C VAL A 587 -14.62 6.81 9.53
N THR A 588 -14.83 6.55 10.82
CA THR A 588 -14.97 7.60 11.82
C THR A 588 -13.66 7.77 12.57
N TYR A 589 -13.14 9.00 12.59
CA TYR A 589 -11.85 9.30 13.18
C TYR A 589 -12.01 10.04 14.51
N GLN A 590 -11.05 9.84 15.40
CA GLN A 590 -10.97 10.58 16.66
C GLN A 590 -9.90 11.65 16.53
N THR A 591 -10.27 12.91 16.75
CA THR A 591 -9.31 14.01 16.72
C THR A 591 -8.60 14.19 18.05
N GLU A 592 -8.79 13.27 18.99
CA GLU A 592 -8.19 13.39 20.32
C GLU A 592 -6.69 13.65 20.25
N LEU A 593 -6.00 12.97 19.34
CA LEU A 593 -4.56 13.10 19.20
C LEU A 593 -4.13 13.69 17.87
N PHE A 594 -5.07 14.26 17.09
CA PHE A 594 -4.74 14.77 15.77
C PHE A 594 -3.70 15.90 15.85
N LEU A 595 -3.91 16.86 16.75
CA LEU A 595 -2.97 17.98 16.86
C LEU A 595 -1.61 17.53 17.36
N ASP A 596 -1.56 16.47 18.16
CA ASP A 596 -0.28 15.99 18.69
C ASP A 596 0.49 15.18 17.67
N LYS A 597 -0.20 14.34 16.89
CA LYS A 597 0.48 13.51 15.90
C LYS A 597 1.05 14.35 14.76
N ASN A 598 0.47 15.53 14.50
CA ASN A 598 0.86 16.31 13.32
C ASN A 598 2.13 17.11 13.55
N LYS A 599 2.34 17.63 14.75
CA LYS A 599 3.55 18.40 15.01
C LYS A 599 4.76 17.49 15.10
N ASP A 600 5.79 17.80 14.32
CA ASP A 600 7.06 17.08 14.36
C ASP A 600 8.11 17.99 14.98
N TYR A 601 8.69 17.55 16.10
CA TYR A 601 9.68 18.35 16.82
C TYR A 601 10.62 17.41 17.57
N VAL A 602 11.74 17.98 18.00
CA VAL A 602 12.72 17.28 18.82
C VAL A 602 12.81 18.02 20.15
N ILE A 603 12.55 17.31 21.25
CA ILE A 603 12.67 17.91 22.57
C ILE A 603 14.11 18.34 22.78
N ALA A 604 14.30 19.57 23.27
CA ALA A 604 15.63 20.15 23.39
C ALA A 604 16.56 19.26 24.23
N GLU A 605 16.11 18.87 25.43
CA GLU A 605 16.94 18.04 26.29
C GLU A 605 17.07 16.62 25.77
N HIS A 606 16.15 16.17 24.90
CA HIS A 606 16.32 14.85 24.30
C HIS A 606 17.49 14.83 23.33
N GLN A 607 17.52 15.80 22.40
CA GLN A 607 18.62 15.87 21.44
C GLN A 607 19.95 16.21 22.13
N ALA A 608 19.89 16.93 23.25
CA ALA A 608 21.11 17.24 23.99
C ALA A 608 21.70 15.99 24.62
N LEU A 609 20.85 15.10 25.14
CA LEU A 609 21.34 13.87 25.76
C LEU A 609 21.86 12.90 24.71
N LEU A 610 21.10 12.70 23.62
CA LEU A 610 21.51 11.76 22.59
C LEU A 610 22.81 12.20 21.91
N ASN A 611 23.04 13.51 21.81
CA ASN A 611 24.31 13.99 21.27
C ASN A 611 25.47 13.73 22.23
N SER A 612 25.20 13.73 23.54
CA SER A 612 26.23 13.53 24.54
C SER A 612 26.66 12.08 24.70
N SER A 613 26.13 11.17 23.88
CA SER A 613 26.44 9.76 24.03
C SER A 613 27.87 9.47 23.58
N SER A 614 28.53 8.55 24.30
CA SER A 614 29.87 8.11 23.92
C SER A 614 29.87 7.13 22.76
N CYS A 615 28.73 6.47 22.51
CA CYS A 615 28.63 5.54 21.38
C CYS A 615 28.48 6.33 20.09
N SER A 616 29.28 5.97 19.08
CA SER A 616 29.26 6.71 17.82
C SER A 616 27.90 6.63 17.15
N PHE A 617 27.26 5.46 17.18
CA PHE A 617 25.97 5.29 16.52
C PHE A 617 24.87 6.09 17.20
N VAL A 618 24.91 6.16 18.53
CA VAL A 618 23.84 6.81 19.28
C VAL A 618 23.86 8.33 19.05
N ALA A 619 25.05 8.93 19.07
CA ALA A 619 25.14 10.36 18.80
C ALA A 619 24.82 10.68 17.35
N SER A 620 25.16 9.79 16.42
CA SER A 620 24.88 9.98 15.01
C SER A 620 23.39 9.93 14.67
N LEU A 621 22.53 9.59 15.64
CA LEU A 621 21.09 9.53 15.39
C LEU A 621 20.44 10.91 15.36
N PHE A 622 21.05 11.91 15.99
CA PHE A 622 20.51 13.26 15.99
C PHE A 622 21.50 14.21 15.35
N PRO A 623 21.12 14.95 14.30
CA PRO A 623 22.05 15.90 13.70
C PRO A 623 22.31 17.07 14.65
N PRO A 624 23.54 17.56 14.73
CA PRO A 624 23.80 18.71 15.59
C PRO A 624 23.37 20.00 14.89
N MET A 625 22.30 20.60 15.40
CA MET A 625 21.80 21.85 14.86
C MET A 625 22.19 23.01 15.77
N SER A 626 21.77 24.21 15.39
CA SER A 626 21.99 25.47 16.10
C SER A 626 23.40 26.02 15.91
N ASP A 627 24.28 25.30 15.20
CA ASP A 627 25.60 25.83 14.83
C ASP A 627 25.48 26.37 13.41
N ASP A 628 25.53 27.70 13.28
CA ASP A 628 25.23 28.41 12.03
C ASP A 628 24.04 27.77 11.31
N SER A 629 23.00 27.47 12.09
CA SER A 629 21.83 26.78 11.57
C SER A 629 20.56 27.48 12.05
N LYS A 630 19.45 27.15 11.41
CA LYS A 630 18.16 27.73 11.73
C LYS A 630 17.42 26.83 12.72
N GLN A 631 16.73 27.46 13.67
CA GLN A 631 15.91 26.76 14.64
C GLN A 631 14.46 26.85 14.23
N SER A 632 13.77 25.72 14.22
CA SER A 632 12.38 25.63 13.81
C SER A 632 11.51 25.34 15.02
N LYS A 633 10.38 26.05 15.11
CA LYS A 633 9.41 25.77 16.17
C LYS A 633 8.88 24.34 16.05
N PHE A 634 8.34 24.00 14.88
CA PHE A 634 7.89 22.65 14.60
C PHE A 634 7.66 22.54 13.09
N SER A 635 7.70 21.31 12.61
CA SER A 635 7.39 21.01 11.21
C SER A 635 6.08 20.24 11.15
N SER A 636 5.36 20.41 10.05
CA SER A 636 4.04 19.81 9.88
C SER A 636 4.16 18.47 9.17
N ILE A 637 3.74 17.40 9.84
CA ILE A 637 3.77 16.07 9.23
C ILE A 637 2.69 15.96 8.17
N GLY A 638 1.54 16.61 8.36
CA GLY A 638 0.46 16.52 7.39
C GLY A 638 0.84 17.09 6.04
N THR A 639 1.47 18.27 6.02
CA THR A 639 1.89 18.87 4.77
C THR A 639 3.12 18.18 4.21
N ARG A 640 4.04 17.75 5.08
CA ARG A 640 5.21 17.00 4.63
C ARG A 640 4.79 15.71 3.94
N PHE A 641 3.81 15.00 4.51
CA PHE A 641 3.33 13.77 3.90
C PHE A 641 2.56 14.06 2.61
N LYS A 642 1.78 15.15 2.60
CA LYS A 642 1.09 15.55 1.39
C LYS A 642 2.06 15.86 0.26
N GLN A 643 3.15 16.57 0.58
CA GLN A 643 4.14 16.91 -0.43
C GLN A 643 4.79 15.66 -1.00
N GLN A 644 5.14 14.71 -0.12
CA GLN A 644 5.73 13.46 -0.59
C GLN A 644 4.76 12.68 -1.46
N LEU A 645 3.46 12.76 -1.14
CA LEU A 645 2.47 12.03 -1.93
C LEU A 645 2.30 12.65 -3.31
N VAL A 646 2.44 13.97 -3.43
CA VAL A 646 2.31 14.62 -4.72
C VAL A 646 3.52 14.34 -5.60
N SER A 647 4.72 14.36 -5.01
CA SER A 647 5.93 14.07 -5.77
C SER A 647 5.94 12.63 -6.27
N LEU A 648 5.49 11.68 -5.44
CA LEU A 648 5.37 10.30 -5.88
C LEU A 648 4.36 10.19 -7.02
N LEU A 649 3.24 10.91 -6.93
CA LEU A 649 2.23 10.85 -7.97
C LEU A 649 2.75 11.45 -9.28
N GLU A 650 3.57 12.49 -9.19
CA GLU A 650 4.10 13.13 -10.39
C GLU A 650 5.12 12.23 -11.09
N ILE A 651 5.86 11.41 -10.34
CA ILE A 651 6.79 10.48 -10.97
C ILE A 651 6.02 9.34 -11.62
N LEU A 652 4.95 8.87 -10.98
CA LEU A 652 4.12 7.83 -11.57
C LEU A 652 3.35 8.33 -12.78
N ASN A 653 3.12 9.65 -12.89
CA ASN A 653 2.44 10.19 -14.05
C ASN A 653 3.33 10.24 -15.29
N THR A 654 4.65 10.12 -15.11
CA THR A 654 5.58 10.08 -16.23
C THR A 654 5.93 8.65 -16.65
N THR A 655 5.45 7.65 -15.92
CA THR A 655 5.73 6.25 -16.22
C THR A 655 4.47 5.57 -16.77
N GLU A 656 4.69 4.51 -17.52
CA GLU A 656 3.58 3.68 -17.98
C GLU A 656 3.19 2.71 -16.87
N PRO A 657 1.95 2.76 -16.38
CA PRO A 657 1.58 1.98 -15.20
C PRO A 657 1.13 0.56 -15.52
N HIS A 658 1.18 -0.28 -14.47
CA HIS A 658 0.68 -1.65 -14.51
C HIS A 658 0.01 -1.93 -13.18
N TYR A 659 -1.22 -2.46 -13.23
CA TYR A 659 -2.06 -2.58 -12.05
C TYR A 659 -2.17 -4.04 -11.61
N ILE A 660 -2.05 -4.26 -10.30
CA ILE A 660 -2.31 -5.55 -9.66
C ILE A 660 -3.24 -5.27 -8.48
N ARG A 661 -4.48 -5.74 -8.57
CA ARG A 661 -5.47 -5.52 -7.52
C ARG A 661 -5.49 -6.74 -6.61
N CYS A 662 -5.01 -6.58 -5.37
CA CYS A 662 -5.06 -7.66 -4.40
C CYS A 662 -6.41 -7.68 -3.72
N ILE A 663 -6.87 -8.89 -3.38
CA ILE A 663 -8.18 -9.08 -2.76
C ILE A 663 -8.00 -9.96 -1.52
N LYS A 664 -8.52 -9.49 -0.40
CA LYS A 664 -8.51 -10.25 0.85
C LYS A 664 -9.76 -11.11 0.92
N PRO A 665 -9.65 -12.44 0.92
CA PRO A 665 -10.84 -13.30 0.78
C PRO A 665 -11.62 -13.46 2.07
N ASN A 666 -10.93 -13.46 3.20
CA ASN A 666 -11.58 -13.57 4.50
C ASN A 666 -10.80 -12.75 5.51
N ASN A 667 -11.42 -12.54 6.68
CA ASN A 667 -10.81 -11.75 7.74
C ASN A 667 -10.23 -12.60 8.86
N LEU A 668 -10.36 -13.93 8.78
CA LEU A 668 -9.71 -14.81 9.75
C LEU A 668 -8.26 -15.07 9.42
N LEU A 669 -7.80 -14.64 8.23
CA LEU A 669 -6.41 -14.83 7.79
C LEU A 669 -6.06 -16.31 7.66
N LYS A 670 -7.02 -17.10 7.16
CA LYS A 670 -6.88 -18.53 6.97
C LYS A 670 -7.15 -18.90 5.50
N PRO A 671 -6.54 -19.96 5.01
CA PRO A 671 -6.77 -20.37 3.62
C PRO A 671 -8.08 -21.13 3.47
N GLY A 672 -8.48 -21.30 2.21
CA GLY A 672 -9.64 -22.11 1.89
C GLY A 672 -10.97 -21.53 2.31
N ILE A 673 -11.02 -20.24 2.64
CA ILE A 673 -12.25 -19.58 3.04
C ILE A 673 -12.51 -18.45 2.04
N PHE A 674 -13.49 -18.65 1.16
CA PHE A 674 -13.86 -17.67 0.14
C PHE A 674 -15.18 -17.05 0.53
N GLU A 675 -15.16 -15.77 0.90
CA GLU A 675 -16.34 -15.08 1.40
C GLU A 675 -16.82 -14.10 0.35
N ASN A 676 -18.08 -14.26 -0.08
CA ASN A 676 -18.61 -13.45 -1.17
C ASN A 676 -18.78 -11.99 -0.75
N GLU A 677 -19.29 -11.75 0.46
CA GLU A 677 -19.57 -10.39 0.90
C GLU A 677 -18.29 -9.56 0.98
N ASN A 678 -17.23 -10.12 1.57
CA ASN A 678 -15.96 -9.40 1.64
C ASN A 678 -15.43 -9.08 0.24
N ILE A 679 -15.47 -10.07 -0.65
CA ILE A 679 -14.91 -9.89 -1.99
C ILE A 679 -15.83 -9.05 -2.87
N LEU A 680 -17.16 -9.15 -2.68
CA LEU A 680 -18.06 -8.33 -3.47
C LEU A 680 -17.88 -6.84 -3.16
N GLN A 681 -17.71 -6.50 -1.89
CA GLN A 681 -17.53 -5.10 -1.51
C GLN A 681 -16.18 -4.56 -1.94
N GLN A 682 -15.17 -5.42 -2.08
CA GLN A 682 -13.88 -4.96 -2.57
C GLN A 682 -13.89 -4.75 -4.09
N LEU A 683 -14.66 -5.57 -4.81
CA LEU A 683 -14.75 -5.42 -6.27
C LEU A 683 -15.50 -4.15 -6.64
N ARG A 684 -16.55 -3.80 -5.88
CA ARG A 684 -17.36 -2.64 -6.20
C ARG A 684 -16.63 -1.34 -5.89
N CYS A 685 -16.11 -1.21 -4.66
CA CYS A 685 -15.40 0.01 -4.30
C CYS A 685 -14.08 0.13 -5.04
N GLY A 686 -13.51 -0.98 -5.50
CA GLY A 686 -12.30 -0.92 -6.30
C GLY A 686 -12.52 -0.73 -7.78
N GLY A 687 -13.77 -0.70 -8.22
CA GLY A 687 -14.07 -0.48 -9.62
C GLY A 687 -13.68 -1.62 -10.54
N VAL A 688 -13.65 -2.85 -10.03
CA VAL A 688 -13.26 -3.98 -10.85
C VAL A 688 -14.33 -4.27 -11.90
N MET A 689 -15.62 -4.11 -11.53
CA MET A 689 -16.69 -4.33 -12.48
C MET A 689 -16.62 -3.35 -13.66
N GLU A 690 -16.34 -2.08 -13.37
CA GLU A 690 -16.23 -1.10 -14.44
C GLU A 690 -14.99 -1.34 -15.29
N ALA A 691 -13.91 -1.81 -14.67
CA ALA A 691 -12.69 -2.10 -15.42
C ALA A 691 -12.91 -3.24 -16.41
N ILE A 692 -13.66 -4.26 -16.00
CA ILE A 692 -14.00 -5.34 -16.93
C ILE A 692 -14.83 -4.80 -18.09
N ARG A 693 -15.77 -3.91 -17.80
CA ARG A 693 -16.58 -3.31 -18.86
C ARG A 693 -15.73 -2.45 -19.79
N ILE A 694 -14.76 -1.73 -19.23
CA ILE A 694 -13.90 -0.90 -20.06
C ILE A 694 -12.91 -1.76 -20.84
N SER A 695 -12.51 -2.90 -20.28
CA SER A 695 -11.57 -3.78 -20.98
C SER A 695 -12.27 -4.60 -22.05
N CYS A 696 -13.55 -4.91 -21.88
CA CYS A 696 -14.26 -5.75 -22.83
C CYS A 696 -14.57 -4.98 -24.11
N ALA A 697 -15.16 -3.80 -23.99
CA ALA A 697 -15.60 -3.03 -25.13
C ALA A 697 -14.65 -1.91 -25.52
N GLY A 698 -13.77 -1.49 -24.62
CA GLY A 698 -12.86 -0.40 -24.91
C GLY A 698 -11.80 -0.77 -25.93
N TYR A 699 -10.91 0.18 -26.18
CA TYR A 699 -9.83 0.03 -27.16
C TYR A 699 -8.52 0.41 -26.49
N PRO A 700 -7.69 -0.57 -26.12
CA PRO A 700 -6.50 -0.25 -25.33
C PRO A 700 -5.44 0.54 -26.08
N THR A 701 -5.25 0.27 -27.36
CA THR A 701 -4.18 0.86 -28.14
C THR A 701 -4.75 1.80 -29.21
N ARG A 702 -4.16 2.98 -29.32
CA ARG A 702 -4.50 3.92 -30.38
C ARG A 702 -3.22 4.53 -30.92
N LYS A 703 -3.13 4.62 -32.25
CA LYS A 703 -2.00 5.22 -32.93
C LYS A 703 -2.51 6.28 -33.90
N HIS A 704 -1.70 7.32 -34.09
CA HIS A 704 -2.03 8.33 -35.09
C HIS A 704 -2.01 7.72 -36.48
N PHE A 705 -2.72 8.37 -37.40
CA PHE A 705 -2.79 7.88 -38.78
C PHE A 705 -1.38 7.78 -39.38
N ASP A 706 -0.54 8.78 -39.14
CA ASP A 706 0.80 8.76 -39.70
C ASP A 706 1.65 7.64 -39.10
N GLU A 707 1.48 7.38 -37.79
CA GLU A 707 2.15 6.23 -37.19
C GLU A 707 1.56 4.91 -37.66
N PHE A 708 0.33 4.91 -38.16
CA PHE A 708 -0.32 3.67 -38.57
C PHE A 708 0.10 3.26 -39.98
N LEU A 709 -0.03 4.18 -40.95
CA LEU A 709 0.36 3.87 -42.31
C LEU A 709 1.85 3.62 -42.47
N ALA A 710 2.67 4.15 -41.55
CA ALA A 710 4.11 3.94 -41.65
C ALA A 710 4.48 2.49 -41.31
N ARG A 711 3.91 1.95 -40.24
CA ARG A 711 4.27 0.60 -39.81
C ARG A 711 3.53 -0.46 -40.61
N PHE A 712 2.22 -0.31 -40.78
CA PHE A 712 1.37 -1.36 -41.31
C PHE A 712 0.94 -1.13 -42.75
N GLY A 713 1.38 -0.05 -43.39
CA GLY A 713 1.14 0.11 -44.81
C GLY A 713 1.89 -0.92 -45.63
N ILE A 714 3.01 -1.43 -45.11
CA ILE A 714 3.78 -2.44 -45.80
C ILE A 714 3.06 -3.78 -45.85
N LEU A 715 2.09 -3.99 -44.95
CA LEU A 715 1.33 -5.24 -44.95
C LEU A 715 0.52 -5.40 -46.23
N ALA A 716 -0.10 -4.31 -46.68
CA ALA A 716 -0.94 -4.33 -47.89
C ALA A 716 -0.36 -3.31 -48.88
N PRO A 717 0.56 -3.74 -49.75
CA PRO A 717 1.11 -2.80 -50.74
C PRO A 717 0.09 -2.35 -51.77
N GLU A 718 -0.92 -3.16 -52.06
CA GLU A 718 -1.89 -2.79 -53.09
C GLU A 718 -2.82 -1.68 -52.61
N VAL A 719 -3.03 -1.57 -51.30
CA VAL A 719 -3.90 -0.53 -50.77
C VAL A 719 -3.23 0.83 -50.93
N LEU A 720 -3.85 1.70 -51.71
CA LEU A 720 -3.27 3.01 -51.97
C LEU A 720 -3.34 3.89 -50.73
N VAL A 721 -2.54 4.95 -50.74
CA VAL A 721 -2.52 5.94 -49.67
C VAL A 721 -2.40 7.32 -50.31
N LYS A 722 -3.28 8.24 -49.92
CA LYS A 722 -3.32 9.56 -50.54
C LYS A 722 -2.24 10.48 -49.98
N ASN A 723 -1.98 10.39 -48.68
CA ASN A 723 -1.01 11.25 -48.01
C ASN A 723 -0.54 10.54 -46.75
N SER A 724 0.34 11.23 -46.00
CA SER A 724 0.95 10.61 -44.84
C SER A 724 -0.07 10.26 -43.76
N ASP A 725 -1.14 11.06 -43.63
CA ASP A 725 -2.19 10.83 -42.63
C ASP A 725 -3.53 10.81 -43.35
N ASP A 726 -3.84 9.69 -43.99
CA ASP A 726 -5.09 9.50 -44.69
C ASP A 726 -5.93 8.46 -43.96
N PRO A 727 -7.13 8.81 -43.48
CA PRO A 727 -7.88 7.86 -42.64
C PRO A 727 -8.48 6.69 -43.42
N ALA A 728 -8.86 6.90 -44.68
CA ALA A 728 -9.53 5.84 -45.43
C ALA A 728 -8.59 4.65 -45.66
N ALA A 729 -7.29 4.92 -45.83
CA ALA A 729 -6.34 3.83 -46.01
C ALA A 729 -6.25 2.95 -44.77
N CYS A 730 -6.38 3.55 -43.59
CA CYS A 730 -6.40 2.76 -42.35
C CYS A 730 -7.59 1.80 -42.34
N LYS A 731 -8.77 2.31 -42.70
CA LYS A 731 -9.94 1.46 -42.81
C LYS A 731 -9.71 0.31 -43.80
N LYS A 732 -9.09 0.62 -44.93
CA LYS A 732 -8.92 -0.38 -45.99
C LYS A 732 -7.73 -1.31 -45.73
N LEU A 733 -6.70 -0.82 -45.05
CA LEU A 733 -5.56 -1.69 -44.73
C LEU A 733 -5.92 -2.68 -43.64
N LEU A 734 -6.83 -2.31 -42.73
CA LEU A 734 -7.28 -3.24 -41.70
C LEU A 734 -8.21 -4.30 -42.29
N ASP A 735 -9.08 -3.92 -43.23
CA ASP A 735 -9.93 -4.90 -43.87
C ASP A 735 -9.15 -5.85 -44.76
N LYS A 736 -8.07 -5.36 -45.38
CA LYS A 736 -7.21 -6.25 -46.18
C LYS A 736 -6.52 -7.28 -45.31
N VAL A 737 -6.19 -6.93 -44.07
CA VAL A 737 -5.58 -7.88 -43.15
C VAL A 737 -6.61 -8.81 -42.53
N GLY A 738 -7.87 -8.39 -42.45
CA GLY A 738 -8.93 -9.21 -41.88
C GLY A 738 -9.36 -8.83 -40.49
N LEU A 739 -8.76 -7.80 -39.89
CA LEU A 739 -9.15 -7.37 -38.56
C LEU A 739 -10.55 -6.78 -38.58
N GLU A 740 -11.28 -7.01 -37.48
CA GLU A 740 -12.66 -6.54 -37.35
C GLU A 740 -12.86 -5.99 -35.95
N GLY A 741 -13.91 -5.18 -35.80
CA GLY A 741 -14.18 -4.51 -34.54
C GLY A 741 -13.35 -3.28 -34.30
N TYR A 742 -12.42 -2.94 -35.20
CA TYR A 742 -11.66 -1.71 -35.06
C TYR A 742 -12.58 -0.51 -35.19
N GLN A 743 -12.09 0.65 -34.75
CA GLN A 743 -12.86 1.88 -34.87
C GLN A 743 -11.94 3.02 -35.32
N ILE A 744 -12.43 3.80 -36.28
CA ILE A 744 -11.68 4.91 -36.87
C ILE A 744 -12.13 6.18 -36.17
N GLY A 745 -11.17 6.93 -35.64
CA GLY A 745 -11.45 8.13 -34.87
C GLY A 745 -11.32 9.39 -35.69
N LYS A 746 -11.31 10.52 -34.98
CA LYS A 746 -11.11 11.81 -35.62
C LYS A 746 -9.69 11.93 -36.16
N THR A 747 -8.69 11.61 -35.32
CA THR A 747 -7.29 11.68 -35.74
C THR A 747 -6.50 10.42 -35.44
N LYS A 748 -7.13 9.37 -34.89
CA LYS A 748 -6.42 8.16 -34.54
C LYS A 748 -7.30 6.95 -34.81
N VAL A 749 -6.65 5.82 -35.09
CA VAL A 749 -7.33 4.54 -35.19
C VAL A 749 -7.40 3.93 -33.80
N PHE A 750 -8.40 3.10 -33.56
CA PHE A 750 -8.59 2.45 -32.28
C PHE A 750 -8.71 0.94 -32.50
N LEU A 751 -7.88 0.17 -31.80
CA LEU A 751 -7.84 -1.27 -31.95
C LEU A 751 -8.11 -1.94 -30.61
N ARG A 752 -8.55 -3.20 -30.68
CA ARG A 752 -8.90 -3.97 -29.50
C ARG A 752 -7.62 -4.49 -28.84
N ALA A 753 -7.79 -5.34 -27.82
CA ALA A 753 -6.67 -5.69 -26.93
C ALA A 753 -5.53 -6.34 -27.68
N GLY A 754 -5.80 -7.42 -28.41
CA GLY A 754 -4.77 -8.17 -29.09
C GLY A 754 -4.56 -7.84 -30.55
N GLN A 755 -5.25 -6.82 -31.08
CA GLN A 755 -5.18 -6.57 -32.51
C GLN A 755 -3.88 -5.88 -32.90
N MET A 756 -3.34 -5.02 -32.03
CA MET A 756 -2.05 -4.40 -32.32
C MET A 756 -0.92 -5.42 -32.29
N ALA A 757 -1.06 -6.46 -31.48
CA ALA A 757 0.01 -7.44 -31.32
C ALA A 757 0.24 -8.22 -32.62
N ASP A 758 -0.83 -8.73 -33.23
CA ASP A 758 -0.67 -9.52 -34.45
C ASP A 758 -0.24 -8.67 -35.64
N LEU A 759 -0.50 -7.36 -35.61
CA LEU A 759 -0.04 -6.50 -36.70
C LEU A 759 1.47 -6.37 -36.68
N ASP A 760 2.07 -6.29 -35.49
CA ASP A 760 3.52 -6.24 -35.40
C ASP A 760 4.16 -7.57 -35.78
N THR A 761 3.47 -8.68 -35.53
CA THR A 761 3.98 -9.99 -35.94
C THR A 761 3.84 -10.20 -37.44
N ARG A 762 2.69 -9.79 -38.01
CA ARG A 762 2.54 -9.83 -39.45
C ARG A 762 3.56 -8.93 -40.14
N ARG A 763 3.83 -7.76 -39.55
CA ARG A 763 4.83 -6.86 -40.13
C ARG A 763 6.22 -7.48 -40.08
N THR A 764 6.59 -8.08 -38.94
CA THR A 764 7.91 -8.68 -38.80
C THR A 764 8.11 -9.86 -39.74
N GLU A 765 7.03 -10.51 -40.17
CA GLU A 765 7.17 -11.65 -41.08
C GLU A 765 7.40 -11.18 -42.52
N VAL A 766 6.66 -10.17 -42.97
CA VAL A 766 6.77 -9.75 -44.36
C VAL A 766 8.03 -8.94 -44.61
N LEU A 767 8.44 -8.11 -43.63
CA LEU A 767 9.65 -7.31 -43.82
C LEU A 767 10.90 -8.18 -43.75
N GLY A 768 10.86 -9.27 -43.00
CA GLY A 768 11.98 -10.19 -42.95
C GLY A 768 12.10 -11.08 -44.16
N ARG A 769 11.04 -11.22 -44.94
CA ARG A 769 11.05 -12.05 -46.14
C ARG A 769 11.62 -11.27 -47.33
#